data_2LDZ
# 
_entry.id   2LDZ 
# 
_audit_conform.dict_name       mmcif_pdbx.dic 
_audit_conform.dict_version    5.392 
_audit_conform.dict_location   http://mmcif.pdb.org/dictionaries/ascii/mmcif_pdbx.dic 
# 
loop_
_database_2.database_id 
_database_2.database_code 
_database_2.pdbx_database_accession 
_database_2.pdbx_DOI 
PDB   2LDZ         pdb_00002ldz 10.2210/pdb2ldz/pdb 
WWPDB D_1000178299 ?            ?                   
# 
loop_
_pdbx_audit_revision_history.ordinal 
_pdbx_audit_revision_history.data_content_type 
_pdbx_audit_revision_history.major_revision 
_pdbx_audit_revision_history.minor_revision 
_pdbx_audit_revision_history.revision_date 
1 'Structure model' 1 0 1999-02-23 
2 'Structure model' 1 1 2008-03-05 
3 'Structure model' 1 2 2011-07-13 
4 'Structure model' 1 3 2022-03-16 
5 'Structure model' 1 4 2024-05-22 
# 
_pdbx_audit_revision_details.ordinal             1 
_pdbx_audit_revision_details.revision_ordinal    1 
_pdbx_audit_revision_details.data_content_type   'Structure model' 
_pdbx_audit_revision_details.provider            repository 
_pdbx_audit_revision_details.type                'Initial release' 
_pdbx_audit_revision_details.description         ? 
_pdbx_audit_revision_details.details             ? 
# 
loop_
_pdbx_audit_revision_group.ordinal 
_pdbx_audit_revision_group.revision_ordinal 
_pdbx_audit_revision_group.data_content_type 
_pdbx_audit_revision_group.group 
1 2 'Structure model' 'Version format compliance' 
2 3 'Structure model' 'Version format compliance' 
3 4 'Structure model' 'Database references'       
4 4 'Structure model' 'Derived calculations'      
5 4 'Structure model' Other                       
6 5 'Structure model' 'Data collection'           
# 
loop_
_pdbx_audit_revision_category.ordinal 
_pdbx_audit_revision_category.revision_ordinal 
_pdbx_audit_revision_category.data_content_type 
_pdbx_audit_revision_category.category 
1 4 'Structure model' database_2            
2 4 'Structure model' pdbx_database_status  
3 4 'Structure model' pdbx_struct_assembly  
4 4 'Structure model' pdbx_struct_oper_list 
5 5 'Structure model' chem_comp_atom        
6 5 'Structure model' chem_comp_bond        
# 
loop_
_pdbx_audit_revision_item.ordinal 
_pdbx_audit_revision_item.revision_ordinal 
_pdbx_audit_revision_item.data_content_type 
_pdbx_audit_revision_item.item 
1 4 'Structure model' '_database_2.pdbx_DOI'                
2 4 'Structure model' '_database_2.pdbx_database_accession' 
3 4 'Structure model' '_pdbx_database_status.process_site'  
# 
_pdbx_database_status.status_code                     REL 
_pdbx_database_status.entry_id                        2LDZ 
_pdbx_database_status.recvd_initial_deposition_date   1998-08-18 
_pdbx_database_status.deposit_site                    ? 
_pdbx_database_status.process_site                    BNL 
_pdbx_database_status.SG_entry                        . 
_pdbx_database_status.pdb_format_compatible           Y 
_pdbx_database_status.status_code_mr                  ? 
_pdbx_database_status.status_code_sf                  ? 
_pdbx_database_status.status_code_cs                  ? 
_pdbx_database_status.status_code_nmr_data            ? 
_pdbx_database_status.methods_development_category    ? 
# 
_pdbx_database_related.db_name        PDB 
_pdbx_database_related.db_id          1LDZ 
_pdbx_database_related.details        'ENSEMBLE OF 25 STRUCTURES' 
_pdbx_database_related.content_type   ensemble 
# 
loop_
_audit_author.name 
_audit_author.pdbx_ordinal 
'Hoogstraten, C.G.' 1 
'Legault, P.'       2 
'Pardi, A.'         3 
# 
loop_
_citation.id 
_citation.title 
_citation.journal_abbrev 
_citation.journal_volume 
_citation.page_first 
_citation.page_last 
_citation.year 
_citation.journal_id_ASTM 
_citation.country 
_citation.journal_id_ISSN 
_citation.journal_id_CSD 
_citation.book_publisher 
_citation.pdbx_database_id_PubMed 
_citation.pdbx_database_id_DOI 
primary 'NMR solution structure of the lead-dependent ribozyme: evidence for dynamics in RNA catalysis.' J.Mol.Biol.  284 337  350 
1998 JMOBAK UK 0022-2836 0070 ? 9813122 10.1006/jmbi.1998.2182 
1       'Order, Dynamics and Metal-Binding in the Lead-Dependent Ribozyme'                               J.Mol.Biol.  284 325  ?   
1998 JMOBAK UK 0022-2836 0070 ? ?       ?                      
2       'Properties of an in Vitro Selected Pb2+ Cleavage Motif'                                         Biochemistry 33  9561 ?   
1994 BICHAW US 0006-2960 0033 ? ?       ?                      
3       'A Small Metalloribozyme with a Two-Step Mechanism'                                              Nature       358 560  ?   
1992 NATUAS UK 0028-0836 0006 ? ?       ?                      
4       'In Vitro Selection of Rnas that Undergo Autolytic Cleavage with Pb2+'                           Biochemistry 31  3887 ?   
1992 BICHAW US 0006-2960 0033 ? ?       ?                      
# 
loop_
_citation_author.citation_id 
_citation_author.name 
_citation_author.ordinal 
_citation_author.identifier_ORCID 
primary 'Hoogstraten, C.G.' 1  ? 
primary 'Legault, P.'       2  ? 
primary 'Pardi, A.'         3  ? 
1       'Legault, P.'       4  ? 
1       'Hoogstraten, C.G.' 5  ? 
1       'Metlitzky, E.'     6  ? 
1       'Pardi, A.'         7  ? 
2       'Pan, T.'           8  ? 
2       'Dichtl, B.'        9  ? 
2       'Uhlenbeck, O.C.'   10 ? 
3       'Pan, T.'           11 ? 
3       'Uhlenbeck, O.C.'   12 ? 
4       'Pan, T.'           13 ? 
4       'Uhlenbeck, O.C.'   14 ? 
# 
_entity.id                         1 
_entity.type                       polymer 
_entity.src_method                 syn 
_entity.pdbx_description           'LEAD-DEPENDENT RIBOZYME' 
_entity.formula_weight             9761.906 
_entity.pdbx_number_of_molecules   1 
_entity.pdbx_ec                    ? 
_entity.pdbx_mutation              ? 
_entity.pdbx_fragment              ? 
_entity.details                    'MOLECULE IS RNA' 
# 
_entity_name_com.entity_id   1 
_entity_name_com.name        LEADZYME 
# 
_entity_poly.entity_id                      1 
_entity_poly.type                           polyribonucleotide 
_entity_poly.nstd_linkage                   no 
_entity_poly.nstd_monomer                   no 
_entity_poly.pdbx_seq_one_letter_code       GCGACCGAGCCAGCGAAAGUUGGGAGUCGC 
_entity_poly.pdbx_seq_one_letter_code_can   GCGACCGAGCCAGCGAAAGUUGGGAGUCGC 
_entity_poly.pdbx_strand_id                 A 
_entity_poly.pdbx_target_identifier         ? 
# 
loop_
_entity_poly_seq.entity_id 
_entity_poly_seq.num 
_entity_poly_seq.mon_id 
_entity_poly_seq.hetero 
1 1  G n 
1 2  C n 
1 3  G n 
1 4  A n 
1 5  C n 
1 6  C n 
1 7  G n 
1 8  A n 
1 9  G n 
1 10 C n 
1 11 C n 
1 12 A n 
1 13 G n 
1 14 C n 
1 15 G n 
1 16 A n 
1 17 A n 
1 18 A n 
1 19 G n 
1 20 U n 
1 21 U n 
1 22 G n 
1 23 G n 
1 24 G n 
1 25 A n 
1 26 G n 
1 27 U n 
1 28 C n 
1 29 G n 
1 30 C n 
# 
_pdbx_entity_src_syn.entity_id              1 
_pdbx_entity_src_syn.pdbx_src_id            1 
_pdbx_entity_src_syn.pdbx_alt_source_flag   sample 
_pdbx_entity_src_syn.pdbx_beg_seq_num       ? 
_pdbx_entity_src_syn.pdbx_end_seq_num       ? 
_pdbx_entity_src_syn.organism_scientific    ? 
_pdbx_entity_src_syn.organism_common_name   ? 
_pdbx_entity_src_syn.ncbi_taxonomy_id       ? 
_pdbx_entity_src_syn.details                'PREPARED BY IN VITRO TRANSCRIPTION FROM SYNTHETIC DNA TEMPLATE' 
# 
loop_
_chem_comp.id 
_chem_comp.type 
_chem_comp.mon_nstd_flag 
_chem_comp.name 
_chem_comp.pdbx_synonyms 
_chem_comp.formula 
_chem_comp.formula_weight 
A 'RNA linking' y "ADENOSINE-5'-MONOPHOSPHATE" ? 'C10 H14 N5 O7 P' 347.221 
C 'RNA linking' y "CYTIDINE-5'-MONOPHOSPHATE"  ? 'C9 H14 N3 O8 P'  323.197 
G 'RNA linking' y "GUANOSINE-5'-MONOPHOSPHATE" ? 'C10 H14 N5 O8 P' 363.221 
U 'RNA linking' y "URIDINE-5'-MONOPHOSPHATE"   ? 'C9 H13 N2 O9 P'  324.181 
# 
loop_
_pdbx_poly_seq_scheme.asym_id 
_pdbx_poly_seq_scheme.entity_id 
_pdbx_poly_seq_scheme.seq_id 
_pdbx_poly_seq_scheme.mon_id 
_pdbx_poly_seq_scheme.ndb_seq_num 
_pdbx_poly_seq_scheme.pdb_seq_num 
_pdbx_poly_seq_scheme.auth_seq_num 
_pdbx_poly_seq_scheme.pdb_mon_id 
_pdbx_poly_seq_scheme.auth_mon_id 
_pdbx_poly_seq_scheme.pdb_strand_id 
_pdbx_poly_seq_scheme.pdb_ins_code 
_pdbx_poly_seq_scheme.hetero 
A 1 1  G 1  1  1  G G A . n 
A 1 2  C 2  2  2  C C A . n 
A 1 3  G 3  3  3  G G A . n 
A 1 4  A 4  4  4  A A A . n 
A 1 5  C 5  5  5  C C A . n 
A 1 6  C 6  6  6  C C A . n 
A 1 7  G 7  7  7  G G A . n 
A 1 8  A 8  8  8  A A A . n 
A 1 9  G 9  9  9  G G A . n 
A 1 10 C 10 10 10 C C A . n 
A 1 11 C 11 11 11 C C A . n 
A 1 12 A 12 12 12 A A A . n 
A 1 13 G 13 13 13 G G A . n 
A 1 14 C 14 14 14 C C A . n 
A 1 15 G 15 15 15 G G A . n 
A 1 16 A 16 16 16 A A A . n 
A 1 17 A 17 17 17 A A A . n 
A 1 18 A 18 18 18 A A A . n 
A 1 19 G 19 19 19 G G A . n 
A 1 20 U 20 20 20 U U A . n 
A 1 21 U 21 21 21 U U A . n 
A 1 22 G 22 22 22 G G A . n 
A 1 23 G 23 23 23 G G A . n 
A 1 24 G 24 24 24 G G A . n 
A 1 25 A 25 25 25 A A A . n 
A 1 26 G 26 26 26 G G A . n 
A 1 27 U 27 27 27 U U A . n 
A 1 28 C 28 28 28 C C A . n 
A 1 29 G 29 29 29 G G A . n 
A 1 30 C 30 30 30 C C A . n 
# 
loop_
_software.name 
_software.classification 
_software.version 
_software.citation_id 
_software.pdbx_ordinal 
X-PLOR 'model building' 3.1 ? 1 
X-PLOR refinement       3.1 ? 2 
X-PLOR phasing          3.1 ? 3 
# 
_cell.entry_id           2LDZ 
_cell.length_a           1.000 
_cell.length_b           1.000 
_cell.length_c           1.000 
_cell.angle_alpha        90.00 
_cell.angle_beta         90.00 
_cell.angle_gamma        90.00 
_cell.Z_PDB              1 
_cell.pdbx_unique_axis   ? 
# 
_symmetry.entry_id                         2LDZ 
_symmetry.space_group_name_H-M             'P 1' 
_symmetry.pdbx_full_space_group_name_H-M   ? 
_symmetry.cell_setting                     ? 
_symmetry.Int_Tables_number                1 
# 
_exptl.entry_id          2LDZ 
_exptl.method            'SOLUTION NMR' 
_exptl.crystals_number   ? 
# 
_struct.entry_id                  2LDZ 
_struct.title                     'SOLUTION STRUCTURE OF THE LEAD-DEPENDENT RIBOZYME, NMR, MINIMIZED AVERAGE STRUCTURE' 
_struct.pdbx_model_details        ? 
_struct.pdbx_CASP_flag            ? 
_struct.pdbx_model_type_details   ? 
# 
_struct_keywords.entry_id        2LDZ 
_struct_keywords.pdbx_keywords   RNA 
_struct_keywords.text            'CATALYTIC RNA, INTERNAL LOOPS, LEADZYME, NMR SPECTROSCOPY, RNA STRUCTURE, RNA' 
# 
_struct_asym.id                            A 
_struct_asym.pdbx_blank_PDB_chainid_flag   N 
_struct_asym.pdbx_modified                 N 
_struct_asym.entity_id                     1 
_struct_asym.details                       ? 
# 
_struct_ref.id                         1 
_struct_ref.entity_id                  1 
_struct_ref.db_name                    PDB 
_struct_ref.db_code                    2LDZ 
_struct_ref.pdbx_db_accession          2LDZ 
_struct_ref.pdbx_db_isoform            ? 
_struct_ref.pdbx_seq_one_letter_code   ? 
_struct_ref.pdbx_align_begin           ? 
# 
_struct_ref_seq.align_id                      1 
_struct_ref_seq.ref_id                        1 
_struct_ref_seq.pdbx_PDB_id_code              2LDZ 
_struct_ref_seq.pdbx_strand_id                A 
_struct_ref_seq.seq_align_beg                 1 
_struct_ref_seq.pdbx_seq_align_beg_ins_code   ? 
_struct_ref_seq.seq_align_end                 30 
_struct_ref_seq.pdbx_seq_align_end_ins_code   ? 
_struct_ref_seq.pdbx_db_accession             2LDZ 
_struct_ref_seq.db_align_beg                  1 
_struct_ref_seq.pdbx_db_align_beg_ins_code    ? 
_struct_ref_seq.db_align_end                  30 
_struct_ref_seq.pdbx_db_align_end_ins_code    ? 
_struct_ref_seq.pdbx_auth_seq_align_beg       1 
_struct_ref_seq.pdbx_auth_seq_align_end       30 
# 
_pdbx_struct_assembly.id                   1 
_pdbx_struct_assembly.details              author_defined_assembly 
_pdbx_struct_assembly.method_details       ? 
_pdbx_struct_assembly.oligomeric_details   monomeric 
_pdbx_struct_assembly.oligomeric_count     1 
# 
_pdbx_struct_assembly_gen.assembly_id       1 
_pdbx_struct_assembly_gen.oper_expression   1 
_pdbx_struct_assembly_gen.asym_id_list      A 
# 
_pdbx_struct_oper_list.id                   1 
_pdbx_struct_oper_list.type                 'identity operation' 
_pdbx_struct_oper_list.name                 1_555 
_pdbx_struct_oper_list.symmetry_operation   x,y,z 
_pdbx_struct_oper_list.matrix[1][1]         1.0000000000 
_pdbx_struct_oper_list.matrix[1][2]         0.0000000000 
_pdbx_struct_oper_list.matrix[1][3]         0.0000000000 
_pdbx_struct_oper_list.vector[1]            0.0000000000 
_pdbx_struct_oper_list.matrix[2][1]         0.0000000000 
_pdbx_struct_oper_list.matrix[2][2]         1.0000000000 
_pdbx_struct_oper_list.matrix[2][3]         0.0000000000 
_pdbx_struct_oper_list.vector[2]            0.0000000000 
_pdbx_struct_oper_list.matrix[3][1]         0.0000000000 
_pdbx_struct_oper_list.matrix[3][2]         0.0000000000 
_pdbx_struct_oper_list.matrix[3][3]         1.0000000000 
_pdbx_struct_oper_list.vector[3]            0.0000000000 
# 
_struct_biol.id   1 
# 
loop_
_struct_conn.id 
_struct_conn.conn_type_id 
_struct_conn.pdbx_leaving_atom_flag 
_struct_conn.pdbx_PDB_id 
_struct_conn.ptnr1_label_asym_id 
_struct_conn.ptnr1_label_comp_id 
_struct_conn.ptnr1_label_seq_id 
_struct_conn.ptnr1_label_atom_id 
_struct_conn.pdbx_ptnr1_label_alt_id 
_struct_conn.pdbx_ptnr1_PDB_ins_code 
_struct_conn.pdbx_ptnr1_standard_comp_id 
_struct_conn.ptnr1_symmetry 
_struct_conn.ptnr2_label_asym_id 
_struct_conn.ptnr2_label_comp_id 
_struct_conn.ptnr2_label_seq_id 
_struct_conn.ptnr2_label_atom_id 
_struct_conn.pdbx_ptnr2_label_alt_id 
_struct_conn.pdbx_ptnr2_PDB_ins_code 
_struct_conn.ptnr1_auth_asym_id 
_struct_conn.ptnr1_auth_comp_id 
_struct_conn.ptnr1_auth_seq_id 
_struct_conn.ptnr2_auth_asym_id 
_struct_conn.ptnr2_auth_comp_id 
_struct_conn.ptnr2_auth_seq_id 
_struct_conn.ptnr2_symmetry 
_struct_conn.pdbx_ptnr3_label_atom_id 
_struct_conn.pdbx_ptnr3_label_seq_id 
_struct_conn.pdbx_ptnr3_label_comp_id 
_struct_conn.pdbx_ptnr3_label_asym_id 
_struct_conn.pdbx_ptnr3_label_alt_id 
_struct_conn.pdbx_ptnr3_PDB_ins_code 
_struct_conn.details 
_struct_conn.pdbx_dist_value 
_struct_conn.pdbx_value_order 
_struct_conn.pdbx_role 
hydrog1  hydrog ? ? A G 1  N1 ? ? ? 1_555 A C 30 N3 ? ? A G 1  A C 30 1_555 ? ? ? ? ? ? WATSON-CRICK  ? ? ? 
hydrog2  hydrog ? ? A G 1  N2 ? ? ? 1_555 A C 30 O2 ? ? A G 1  A C 30 1_555 ? ? ? ? ? ? WATSON-CRICK  ? ? ? 
hydrog3  hydrog ? ? A G 1  O6 ? ? ? 1_555 A C 30 N4 ? ? A G 1  A C 30 1_555 ? ? ? ? ? ? WATSON-CRICK  ? ? ? 
hydrog4  hydrog ? ? A C 2  N3 ? ? ? 1_555 A G 29 N1 ? ? A C 2  A G 29 1_555 ? ? ? ? ? ? WATSON-CRICK  ? ? ? 
hydrog5  hydrog ? ? A C 2  N4 ? ? ? 1_555 A G 29 O6 ? ? A C 2  A G 29 1_555 ? ? ? ? ? ? WATSON-CRICK  ? ? ? 
hydrog6  hydrog ? ? A C 2  O2 ? ? ? 1_555 A G 29 N2 ? ? A C 2  A G 29 1_555 ? ? ? ? ? ? WATSON-CRICK  ? ? ? 
hydrog7  hydrog ? ? A C 2  N4 ? ? ? 1_555 A C 30 N3 ? ? A C 2  A C 30 1_555 ? ? ? ? ? ? 'C-C MISPAIR' ? ? ? 
hydrog8  hydrog ? ? A G 3  N1 ? ? ? 1_555 A C 28 N3 ? ? A G 3  A C 28 1_555 ? ? ? ? ? ? WATSON-CRICK  ? ? ? 
hydrog9  hydrog ? ? A G 3  N2 ? ? ? 1_555 A C 28 O2 ? ? A G 3  A C 28 1_555 ? ? ? ? ? ? WATSON-CRICK  ? ? ? 
hydrog10 hydrog ? ? A G 3  O6 ? ? ? 1_555 A C 28 N4 ? ? A G 3  A C 28 1_555 ? ? ? ? ? ? WATSON-CRICK  ? ? ? 
hydrog11 hydrog ? ? A A 4  N1 ? ? ? 1_555 A U 27 N3 ? ? A A 4  A U 27 1_555 ? ? ? ? ? ? WATSON-CRICK  ? ? ? 
hydrog12 hydrog ? ? A A 4  N6 ? ? ? 1_555 A U 27 O4 ? ? A A 4  A U 27 1_555 ? ? ? ? ? ? WATSON-CRICK  ? ? ? 
hydrog13 hydrog ? ? A C 5  N3 ? ? ? 1_555 A G 26 N1 ? ? A C 5  A G 26 1_555 ? ? ? ? ? ? WATSON-CRICK  ? ? ? 
hydrog14 hydrog ? ? A C 5  N4 ? ? ? 1_555 A G 26 O6 ? ? A C 5  A G 26 1_555 ? ? ? ? ? ? WATSON-CRICK  ? ? ? 
hydrog15 hydrog ? ? A C 5  O2 ? ? ? 1_555 A G 26 N2 ? ? A C 5  A G 26 1_555 ? ? ? ? ? ? WATSON-CRICK  ? ? ? 
hydrog16 hydrog ? ? A C 6  N3 ? ? ? 1_555 A A 25 N6 ? ? A C 6  A A 25 1_555 ? ? ? ? ? ? 'C-A MISPAIR' ? ? ? 
hydrog17 hydrog ? ? A C 10 N3 ? ? ? 1_555 A G 23 N1 ? ? A C 10 A G 23 1_555 ? ? ? ? ? ? WATSON-CRICK  ? ? ? 
hydrog18 hydrog ? ? A C 10 N4 ? ? ? 1_555 A G 23 O6 ? ? A C 10 A G 23 1_555 ? ? ? ? ? ? WATSON-CRICK  ? ? ? 
hydrog19 hydrog ? ? A C 10 O2 ? ? ? 1_555 A G 23 N2 ? ? A C 10 A G 23 1_555 ? ? ? ? ? ? WATSON-CRICK  ? ? ? 
hydrog20 hydrog ? ? A C 11 N3 ? ? ? 1_555 A G 22 N1 ? ? A C 11 A G 22 1_555 ? ? ? ? ? ? WATSON-CRICK  ? ? ? 
hydrog21 hydrog ? ? A C 11 N4 ? ? ? 1_555 A G 22 O6 ? ? A C 11 A G 22 1_555 ? ? ? ? ? ? WATSON-CRICK  ? ? ? 
hydrog22 hydrog ? ? A C 11 O2 ? ? ? 1_555 A G 22 N2 ? ? A C 11 A G 22 1_555 ? ? ? ? ? ? WATSON-CRICK  ? ? ? 
hydrog23 hydrog ? ? A A 12 N1 ? ? ? 1_555 A U 21 N3 ? ? A A 12 A U 21 1_555 ? ? ? ? ? ? WATSON-CRICK  ? ? ? 
hydrog24 hydrog ? ? A A 12 N6 ? ? ? 1_555 A U 21 O4 ? ? A A 12 A U 21 1_555 ? ? ? ? ? ? WATSON-CRICK  ? ? ? 
hydrog25 hydrog ? ? A G 13 N1 ? ? ? 1_555 A U 20 O2 ? ? A G 13 A U 20 1_555 ? ? ? ? ? ? TYPE_28_PAIR  ? ? ? 
hydrog26 hydrog ? ? A G 13 O6 ? ? ? 1_555 A U 20 N3 ? ? A G 13 A U 20 1_555 ? ? ? ? ? ? TYPE_28_PAIR  ? ? ? 
hydrog27 hydrog ? ? A C 14 N3 ? ? ? 1_555 A G 19 N1 ? ? A C 14 A G 19 1_555 ? ? ? ? ? ? WATSON-CRICK  ? ? ? 
hydrog28 hydrog ? ? A C 14 N4 ? ? ? 1_555 A G 19 O6 ? ? A C 14 A G 19 1_555 ? ? ? ? ? ? WATSON-CRICK  ? ? ? 
hydrog29 hydrog ? ? A C 14 O2 ? ? ? 1_555 A G 19 N2 ? ? A C 14 A G 19 1_555 ? ? ? ? ? ? WATSON-CRICK  ? ? ? 
hydrog30 hydrog ? ? A G 15 N2 ? ? ? 1_555 A A 18 N7 ? ? A G 15 A A 18 1_555 ? ? ? ? ? ? 'G-A MISPAIR' ? ? ? 
# 
_struct_conn_type.id          hydrog 
_struct_conn_type.criteria    ? 
_struct_conn_type.reference   ? 
# 
loop_
_pdbx_validate_rmsd_angle.id 
_pdbx_validate_rmsd_angle.PDB_model_num 
_pdbx_validate_rmsd_angle.auth_atom_id_1 
_pdbx_validate_rmsd_angle.auth_asym_id_1 
_pdbx_validate_rmsd_angle.auth_comp_id_1 
_pdbx_validate_rmsd_angle.auth_seq_id_1 
_pdbx_validate_rmsd_angle.PDB_ins_code_1 
_pdbx_validate_rmsd_angle.label_alt_id_1 
_pdbx_validate_rmsd_angle.auth_atom_id_2 
_pdbx_validate_rmsd_angle.auth_asym_id_2 
_pdbx_validate_rmsd_angle.auth_comp_id_2 
_pdbx_validate_rmsd_angle.auth_seq_id_2 
_pdbx_validate_rmsd_angle.PDB_ins_code_2 
_pdbx_validate_rmsd_angle.label_alt_id_2 
_pdbx_validate_rmsd_angle.auth_atom_id_3 
_pdbx_validate_rmsd_angle.auth_asym_id_3 
_pdbx_validate_rmsd_angle.auth_comp_id_3 
_pdbx_validate_rmsd_angle.auth_seq_id_3 
_pdbx_validate_rmsd_angle.PDB_ins_code_3 
_pdbx_validate_rmsd_angle.label_alt_id_3 
_pdbx_validate_rmsd_angle.angle_value 
_pdbx_validate_rmsd_angle.angle_target_value 
_pdbx_validate_rmsd_angle.angle_deviation 
_pdbx_validate_rmsd_angle.angle_standard_deviation 
_pdbx_validate_rmsd_angle.linker_flag 
1  1 N7 A G 1  ? ? C8 A G 1  ? ? N9 A G 1  ? ? 117.59 113.10 4.49  0.50 N 
2  1 C8 A G 1  ? ? N9 A G 1  ? ? C4 A G 1  ? ? 103.76 106.40 -2.64 0.40 N 
3  1 N7 A G 3  ? ? C8 A G 3  ? ? N9 A G 3  ? ? 117.65 113.10 4.55  0.50 N 
4  1 C8 A G 3  ? ? N9 A G 3  ? ? C4 A G 3  ? ? 103.65 106.40 -2.75 0.40 N 
5  1 N7 A A 4  ? ? C8 A A 4  ? ? N9 A A 4  ? ? 117.47 113.80 3.67  0.50 N 
6  1 N7 A G 7  ? ? C8 A G 7  ? ? N9 A G 7  ? ? 117.66 113.10 4.56  0.50 N 
7  1 C8 A G 7  ? ? N9 A G 7  ? ? C4 A G 7  ? ? 103.68 106.40 -2.72 0.40 N 
8  1 N7 A A 8  ? ? C8 A A 8  ? ? N9 A A 8  ? ? 117.53 113.80 3.73  0.50 N 
9  1 N7 A G 9  ? ? C8 A G 9  ? ? N9 A G 9  ? ? 117.63 113.10 4.53  0.50 N 
10 1 C8 A G 9  ? ? N9 A G 9  ? ? C4 A G 9  ? ? 103.71 106.40 -2.69 0.40 N 
11 1 N7 A A 12 ? ? C8 A A 12 ? ? N9 A A 12 ? ? 117.51 113.80 3.71  0.50 N 
12 1 N7 A G 13 ? ? C8 A G 13 ? ? N9 A G 13 ? ? 117.64 113.10 4.54  0.50 N 
13 1 C8 A G 13 ? ? N9 A G 13 ? ? C4 A G 13 ? ? 103.69 106.40 -2.71 0.40 N 
14 1 N7 A G 15 ? ? C8 A G 15 ? ? N9 A G 15 ? ? 117.64 113.10 4.54  0.50 N 
15 1 C8 A G 15 ? ? N9 A G 15 ? ? C4 A G 15 ? ? 103.71 106.40 -2.69 0.40 N 
16 1 N7 A A 16 ? ? C8 A A 16 ? ? N9 A A 16 ? ? 117.51 113.80 3.71  0.50 N 
17 1 N7 A A 17 ? ? C8 A A 17 ? ? N9 A A 17 ? ? 117.52 113.80 3.72  0.50 N 
18 1 N7 A A 18 ? ? C8 A A 18 ? ? N9 A A 18 ? ? 117.49 113.80 3.69  0.50 N 
19 1 N7 A G 19 ? ? C8 A G 19 ? ? N9 A G 19 ? ? 117.64 113.10 4.54  0.50 N 
20 1 C8 A G 19 ? ? N9 A G 19 ? ? C4 A G 19 ? ? 103.72 106.40 -2.68 0.40 N 
21 1 N7 A G 22 ? ? C8 A G 22 ? ? N9 A G 22 ? ? 117.63 113.10 4.53  0.50 N 
22 1 C8 A G 22 ? ? N9 A G 22 ? ? C4 A G 22 ? ? 103.73 106.40 -2.67 0.40 N 
23 1 N7 A G 23 ? ? C8 A G 23 ? ? N9 A G 23 ? ? 117.58 113.10 4.48  0.50 N 
24 1 C8 A G 23 ? ? N9 A G 23 ? ? C4 A G 23 ? ? 103.71 106.40 -2.69 0.40 N 
25 1 N7 A G 24 ? ? C8 A G 24 ? ? N9 A G 24 ? ? 117.65 113.10 4.55  0.50 N 
26 1 C8 A G 24 ? ? N9 A G 24 ? ? C4 A G 24 ? ? 103.69 106.40 -2.71 0.40 N 
27 1 N7 A A 25 ? ? C8 A A 25 ? ? N9 A A 25 ? ? 117.68 113.80 3.88  0.50 N 
28 1 N7 A G 26 ? ? C8 A G 26 ? ? N9 A G 26 ? ? 117.69 113.10 4.59  0.50 N 
29 1 C8 A G 26 ? ? N9 A G 26 ? ? C4 A G 26 ? ? 103.74 106.40 -2.66 0.40 N 
30 1 N7 A G 29 ? ? C8 A G 29 ? ? N9 A G 29 ? ? 117.60 113.10 4.50  0.50 N 
31 1 C8 A G 29 ? ? N9 A G 29 ? ? C4 A G 29 ? ? 103.74 106.40 -2.66 0.40 N 
# 
_pdbx_nmr_ensemble.entry_id                             2LDZ 
_pdbx_nmr_ensemble.conformers_calculated_total_number   25 
_pdbx_nmr_ensemble.conformers_submitted_total_number    1 
_pdbx_nmr_ensemble.conformer_selection_criteria         
;NO NOE VIOLATIONS GREATER THAN 0.3 A, NO DIHEDRAL VIOLATIONS GREATER THAN 3 DEGREES, GOOD STEREOCHEMICAL QUALITY, TOTAL ENERGY LESS THAN -120 KCAL/MOL, NOE PSEUDOENERGY LESS THAN 4 KCAL/ MOL
;
# 
_pdbx_nmr_sample_details.solution_id   1 
_pdbx_nmr_sample_details.contents      H2O/D2O 
# 
_pdbx_nmr_exptl_sample_conditions.conditions_id       1 
_pdbx_nmr_exptl_sample_conditions.temperature         298 
_pdbx_nmr_exptl_sample_conditions.pressure            1 
_pdbx_nmr_exptl_sample_conditions.pH                  5.5 
_pdbx_nmr_exptl_sample_conditions.ionic_strength      '0.1 M' 
_pdbx_nmr_exptl_sample_conditions.pressure_units      atm 
_pdbx_nmr_exptl_sample_conditions.temperature_units   K 
# 
loop_
_pdbx_nmr_exptl.experiment_id 
_pdbx_nmr_exptl.conditions_id 
_pdbx_nmr_exptl.type 
_pdbx_nmr_exptl.solution_id 
1  1 NOESY                               1 
2  1 CPMG-NOESY                          1 
3  1 BD-NOESY                            1 
4  1 CBD-NOESY                           1 
5  1 NOESY-HSQC                          1 
6  1 CBD-NOESY-HSQC                      1 
7  1 HMQC-NOESY-HSQC                     1 
8  1 HCCH-E.COSY                         1 
9  1 'DIRECTED HCC-TOCSY-CCH-E.COSY'     1 
10 1 'SPIN-ECHO DIFFERENCE CT-HCCH-COSY' 1 
# 
_pdbx_nmr_details.entry_id   2LDZ 
_pdbx_nmr_details.text       
;THE STRUCTURE WAS DETERMINED FROM DISTANCE AND TORSION ANGLE RESTRAINTS DERIVED USING UNLABELED, 15N-LABELED, AND 13C, 15N-LABELED SAMPLES OF THE LEADZYME PREPARED BY IN VITRO TRANSCRIPTION.
;
# 
_pdbx_nmr_refine.entry_id           2LDZ 
_pdbx_nmr_refine.method             'SIMULATED ANNEALING FROM RANDOM TORSION ANGLES' 
_pdbx_nmr_refine.details            
'A COMPLETE SET OF REFINEMENT MACROS, ALONG WITH ASSOCIATED FILES, IS AVAILABLE UPON REQUEST TO THE AUTHORS.' 
_pdbx_nmr_refine.software_ordinal   1 
# 
loop_
_pdbx_nmr_software.classification 
_pdbx_nmr_software.name 
_pdbx_nmr_software.version 
_pdbx_nmr_software.authors 
_pdbx_nmr_software.ordinal 
refinement           X-PLOR 3.1 BRUNGER 1 
'structure solution' X-PLOR 3.1 ?       2 
# 
loop_
_chem_comp_atom.comp_id 
_chem_comp_atom.atom_id 
_chem_comp_atom.type_symbol 
_chem_comp_atom.pdbx_aromatic_flag 
_chem_comp_atom.pdbx_stereo_config 
_chem_comp_atom.pdbx_ordinal 
A OP3    O N N 1   
A P      P N N 2   
A OP1    O N N 3   
A OP2    O N N 4   
A "O5'"  O N N 5   
A "C5'"  C N N 6   
A "C4'"  C N R 7   
A "O4'"  O N N 8   
A "C3'"  C N S 9   
A "O3'"  O N N 10  
A "C2'"  C N R 11  
A "O2'"  O N N 12  
A "C1'"  C N R 13  
A N9     N Y N 14  
A C8     C Y N 15  
A N7     N Y N 16  
A C5     C Y N 17  
A C6     C Y N 18  
A N6     N N N 19  
A N1     N Y N 20  
A C2     C Y N 21  
A N3     N Y N 22  
A C4     C Y N 23  
A HOP3   H N N 24  
A HOP2   H N N 25  
A "H5'"  H N N 26  
A "H5''" H N N 27  
A "H4'"  H N N 28  
A "H3'"  H N N 29  
A "HO3'" H N N 30  
A "H2'"  H N N 31  
A "HO2'" H N N 32  
A "H1'"  H N N 33  
A H8     H N N 34  
A H61    H N N 35  
A H62    H N N 36  
A H2     H N N 37  
C OP3    O N N 38  
C P      P N N 39  
C OP1    O N N 40  
C OP2    O N N 41  
C "O5'"  O N N 42  
C "C5'"  C N N 43  
C "C4'"  C N R 44  
C "O4'"  O N N 45  
C "C3'"  C N S 46  
C "O3'"  O N N 47  
C "C2'"  C N R 48  
C "O2'"  O N N 49  
C "C1'"  C N R 50  
C N1     N N N 51  
C C2     C N N 52  
C O2     O N N 53  
C N3     N N N 54  
C C4     C N N 55  
C N4     N N N 56  
C C5     C N N 57  
C C6     C N N 58  
C HOP3   H N N 59  
C HOP2   H N N 60  
C "H5'"  H N N 61  
C "H5''" H N N 62  
C "H4'"  H N N 63  
C "H3'"  H N N 64  
C "HO3'" H N N 65  
C "H2'"  H N N 66  
C "HO2'" H N N 67  
C "H1'"  H N N 68  
C H41    H N N 69  
C H42    H N N 70  
C H5     H N N 71  
C H6     H N N 72  
G OP3    O N N 73  
G P      P N N 74  
G OP1    O N N 75  
G OP2    O N N 76  
G "O5'"  O N N 77  
G "C5'"  C N N 78  
G "C4'"  C N R 79  
G "O4'"  O N N 80  
G "C3'"  C N S 81  
G "O3'"  O N N 82  
G "C2'"  C N R 83  
G "O2'"  O N N 84  
G "C1'"  C N R 85  
G N9     N Y N 86  
G C8     C Y N 87  
G N7     N Y N 88  
G C5     C Y N 89  
G C6     C N N 90  
G O6     O N N 91  
G N1     N N N 92  
G C2     C N N 93  
G N2     N N N 94  
G N3     N N N 95  
G C4     C Y N 96  
G HOP3   H N N 97  
G HOP2   H N N 98  
G "H5'"  H N N 99  
G "H5''" H N N 100 
G "H4'"  H N N 101 
G "H3'"  H N N 102 
G "HO3'" H N N 103 
G "H2'"  H N N 104 
G "HO2'" H N N 105 
G "H1'"  H N N 106 
G H8     H N N 107 
G H1     H N N 108 
G H21    H N N 109 
G H22    H N N 110 
U OP3    O N N 111 
U P      P N N 112 
U OP1    O N N 113 
U OP2    O N N 114 
U "O5'"  O N N 115 
U "C5'"  C N N 116 
U "C4'"  C N R 117 
U "O4'"  O N N 118 
U "C3'"  C N S 119 
U "O3'"  O N N 120 
U "C2'"  C N R 121 
U "O2'"  O N N 122 
U "C1'"  C N R 123 
U N1     N N N 124 
U C2     C N N 125 
U O2     O N N 126 
U N3     N N N 127 
U C4     C N N 128 
U O4     O N N 129 
U C5     C N N 130 
U C6     C N N 131 
U HOP3   H N N 132 
U HOP2   H N N 133 
U "H5'"  H N N 134 
U "H5''" H N N 135 
U "H4'"  H N N 136 
U "H3'"  H N N 137 
U "HO3'" H N N 138 
U "H2'"  H N N 139 
U "HO2'" H N N 140 
U "H1'"  H N N 141 
U H3     H N N 142 
U H5     H N N 143 
U H6     H N N 144 
# 
loop_
_chem_comp_bond.comp_id 
_chem_comp_bond.atom_id_1 
_chem_comp_bond.atom_id_2 
_chem_comp_bond.value_order 
_chem_comp_bond.pdbx_aromatic_flag 
_chem_comp_bond.pdbx_stereo_config 
_chem_comp_bond.pdbx_ordinal 
A OP3   P      sing N N 1   
A OP3   HOP3   sing N N 2   
A P     OP1    doub N N 3   
A P     OP2    sing N N 4   
A P     "O5'"  sing N N 5   
A OP2   HOP2   sing N N 6   
A "O5'" "C5'"  sing N N 7   
A "C5'" "C4'"  sing N N 8   
A "C5'" "H5'"  sing N N 9   
A "C5'" "H5''" sing N N 10  
A "C4'" "O4'"  sing N N 11  
A "C4'" "C3'"  sing N N 12  
A "C4'" "H4'"  sing N N 13  
A "O4'" "C1'"  sing N N 14  
A "C3'" "O3'"  sing N N 15  
A "C3'" "C2'"  sing N N 16  
A "C3'" "H3'"  sing N N 17  
A "O3'" "HO3'" sing N N 18  
A "C2'" "O2'"  sing N N 19  
A "C2'" "C1'"  sing N N 20  
A "C2'" "H2'"  sing N N 21  
A "O2'" "HO2'" sing N N 22  
A "C1'" N9     sing N N 23  
A "C1'" "H1'"  sing N N 24  
A N9    C8     sing Y N 25  
A N9    C4     sing Y N 26  
A C8    N7     doub Y N 27  
A C8    H8     sing N N 28  
A N7    C5     sing Y N 29  
A C5    C6     sing Y N 30  
A C5    C4     doub Y N 31  
A C6    N6     sing N N 32  
A C6    N1     doub Y N 33  
A N6    H61    sing N N 34  
A N6    H62    sing N N 35  
A N1    C2     sing Y N 36  
A C2    N3     doub Y N 37  
A C2    H2     sing N N 38  
A N3    C4     sing Y N 39  
C OP3   P      sing N N 40  
C OP3   HOP3   sing N N 41  
C P     OP1    doub N N 42  
C P     OP2    sing N N 43  
C P     "O5'"  sing N N 44  
C OP2   HOP2   sing N N 45  
C "O5'" "C5'"  sing N N 46  
C "C5'" "C4'"  sing N N 47  
C "C5'" "H5'"  sing N N 48  
C "C5'" "H5''" sing N N 49  
C "C4'" "O4'"  sing N N 50  
C "C4'" "C3'"  sing N N 51  
C "C4'" "H4'"  sing N N 52  
C "O4'" "C1'"  sing N N 53  
C "C3'" "O3'"  sing N N 54  
C "C3'" "C2'"  sing N N 55  
C "C3'" "H3'"  sing N N 56  
C "O3'" "HO3'" sing N N 57  
C "C2'" "O2'"  sing N N 58  
C "C2'" "C1'"  sing N N 59  
C "C2'" "H2'"  sing N N 60  
C "O2'" "HO2'" sing N N 61  
C "C1'" N1     sing N N 62  
C "C1'" "H1'"  sing N N 63  
C N1    C2     sing N N 64  
C N1    C6     sing N N 65  
C C2    O2     doub N N 66  
C C2    N3     sing N N 67  
C N3    C4     doub N N 68  
C C4    N4     sing N N 69  
C C4    C5     sing N N 70  
C N4    H41    sing N N 71  
C N4    H42    sing N N 72  
C C5    C6     doub N N 73  
C C5    H5     sing N N 74  
C C6    H6     sing N N 75  
G OP3   P      sing N N 76  
G OP3   HOP3   sing N N 77  
G P     OP1    doub N N 78  
G P     OP2    sing N N 79  
G P     "O5'"  sing N N 80  
G OP2   HOP2   sing N N 81  
G "O5'" "C5'"  sing N N 82  
G "C5'" "C4'"  sing N N 83  
G "C5'" "H5'"  sing N N 84  
G "C5'" "H5''" sing N N 85  
G "C4'" "O4'"  sing N N 86  
G "C4'" "C3'"  sing N N 87  
G "C4'" "H4'"  sing N N 88  
G "O4'" "C1'"  sing N N 89  
G "C3'" "O3'"  sing N N 90  
G "C3'" "C2'"  sing N N 91  
G "C3'" "H3'"  sing N N 92  
G "O3'" "HO3'" sing N N 93  
G "C2'" "O2'"  sing N N 94  
G "C2'" "C1'"  sing N N 95  
G "C2'" "H2'"  sing N N 96  
G "O2'" "HO2'" sing N N 97  
G "C1'" N9     sing N N 98  
G "C1'" "H1'"  sing N N 99  
G N9    C8     sing Y N 100 
G N9    C4     sing Y N 101 
G C8    N7     doub Y N 102 
G C8    H8     sing N N 103 
G N7    C5     sing Y N 104 
G C5    C6     sing N N 105 
G C5    C4     doub Y N 106 
G C6    O6     doub N N 107 
G C6    N1     sing N N 108 
G N1    C2     sing N N 109 
G N1    H1     sing N N 110 
G C2    N2     sing N N 111 
G C2    N3     doub N N 112 
G N2    H21    sing N N 113 
G N2    H22    sing N N 114 
G N3    C4     sing N N 115 
U OP3   P      sing N N 116 
U OP3   HOP3   sing N N 117 
U P     OP1    doub N N 118 
U P     OP2    sing N N 119 
U P     "O5'"  sing N N 120 
U OP2   HOP2   sing N N 121 
U "O5'" "C5'"  sing N N 122 
U "C5'" "C4'"  sing N N 123 
U "C5'" "H5'"  sing N N 124 
U "C5'" "H5''" sing N N 125 
U "C4'" "O4'"  sing N N 126 
U "C4'" "C3'"  sing N N 127 
U "C4'" "H4'"  sing N N 128 
U "O4'" "C1'"  sing N N 129 
U "C3'" "O3'"  sing N N 130 
U "C3'" "C2'"  sing N N 131 
U "C3'" "H3'"  sing N N 132 
U "O3'" "HO3'" sing N N 133 
U "C2'" "O2'"  sing N N 134 
U "C2'" "C1'"  sing N N 135 
U "C2'" "H2'"  sing N N 136 
U "O2'" "HO2'" sing N N 137 
U "C1'" N1     sing N N 138 
U "C1'" "H1'"  sing N N 139 
U N1    C2     sing N N 140 
U N1    C6     sing N N 141 
U C2    O2     doub N N 142 
U C2    N3     sing N N 143 
U N3    C4     sing N N 144 
U N3    H3     sing N N 145 
U C4    O4     doub N N 146 
U C4    C5     sing N N 147 
U C5    C6     doub N N 148 
U C5    H5     sing N N 149 
U C6    H6     sing N N 150 
# 
loop_
_ndb_struct_conf_na.entry_id 
_ndb_struct_conf_na.feature 
2LDZ 'double helix'         
2LDZ 'a-form double helix'  
2LDZ tetraloop              
2LDZ 'mismatched base pair' 
2LDZ 'internal loop'        
# 
loop_
_ndb_struct_na_base_pair.model_number 
_ndb_struct_na_base_pair.i_label_asym_id 
_ndb_struct_na_base_pair.i_label_comp_id 
_ndb_struct_na_base_pair.i_label_seq_id 
_ndb_struct_na_base_pair.i_symmetry 
_ndb_struct_na_base_pair.j_label_asym_id 
_ndb_struct_na_base_pair.j_label_comp_id 
_ndb_struct_na_base_pair.j_label_seq_id 
_ndb_struct_na_base_pair.j_symmetry 
_ndb_struct_na_base_pair.shear 
_ndb_struct_na_base_pair.stretch 
_ndb_struct_na_base_pair.stagger 
_ndb_struct_na_base_pair.buckle 
_ndb_struct_na_base_pair.propeller 
_ndb_struct_na_base_pair.opening 
_ndb_struct_na_base_pair.pair_number 
_ndb_struct_na_base_pair.pair_name 
_ndb_struct_na_base_pair.i_auth_asym_id 
_ndb_struct_na_base_pair.i_auth_seq_id 
_ndb_struct_na_base_pair.i_PDB_ins_code 
_ndb_struct_na_base_pair.j_auth_asym_id 
_ndb_struct_na_base_pair.j_auth_seq_id 
_ndb_struct_na_base_pair.j_PDB_ins_code 
_ndb_struct_na_base_pair.hbond_type_28 
_ndb_struct_na_base_pair.hbond_type_12 
1 A G 1  1_555 A C 30 1_555 -0.244 -0.778 -1.885 -13.903 -12.829 7.241   1  A_G1:C30_A  A 1  ? A 30 ? 19 1 
1 A C 2  1_555 A G 29 1_555 -0.453 -0.084 -0.065 -31.497 9.263   -5.204  2  A_C2:G29_A  A 2  ? A 29 ? 19 1 
1 A G 3  1_555 A C 28 1_555 -0.431 -0.662 1.755  13.971  7.278   3.746   3  A_G3:C28_A  A 3  ? A 28 ? 19 1 
1 A A 4  1_555 A U 27 1_555 -0.460 -0.255 0.079  10.944  -30.972 2.813   4  A_A4:U27_A  A 4  ? A 27 ? 20 1 
1 A C 5  1_555 A G 26 1_555 -0.210 -0.288 0.338  8.481   -27.063 -4.881  5  A_C5:G26_A  A 5  ? A 26 ? 19 1 
1 A C 6  1_555 A A 25 1_555 1.713  -0.139 0.281  -2.401  -28.255 2.153   6  A_C6:A25_A  A 6  ? A 25 ? ?  ? 
1 A C 10 1_555 A G 23 1_555 0.102  -0.130 -0.037 8.806   -21.261 -3.648  7  A_C10:G23_A A 10 ? A 23 ? 19 1 
1 A C 11 1_555 A G 22 1_555 0.326  -0.106 -0.180 -5.232  -11.139 4.228   8  A_C11:G22_A A 11 ? A 22 ? 19 1 
1 A A 12 1_555 A U 21 1_555 0.014  -0.180 0.747  12.293  3.223   6.460   9  A_A12:U21_A A 12 ? A 21 ? 20 1 
1 A G 13 1_555 A U 20 1_555 -3.149 -0.665 -0.510 8.241   -3.411  7.671   10 A_G13:U20_A A 13 ? A 20 ? 28 ? 
1 A C 14 1_555 A G 19 1_555 0.900  -0.476 -1.263 16.513  -13.713 1.909   11 A_C14:G19_A A 14 ? A 19 ? 19 1 
1 A G 15 1_555 A A 18 1_555 5.633  -5.647 2.403  12.020  12.647  -18.824 12 A_G15:A18_A A 15 ? A 18 ? ?  ? 
# 
loop_
_ndb_struct_na_base_pair_step.model_number 
_ndb_struct_na_base_pair_step.i_label_asym_id_1 
_ndb_struct_na_base_pair_step.i_label_comp_id_1 
_ndb_struct_na_base_pair_step.i_label_seq_id_1 
_ndb_struct_na_base_pair_step.i_symmetry_1 
_ndb_struct_na_base_pair_step.j_label_asym_id_1 
_ndb_struct_na_base_pair_step.j_label_comp_id_1 
_ndb_struct_na_base_pair_step.j_label_seq_id_1 
_ndb_struct_na_base_pair_step.j_symmetry_1 
_ndb_struct_na_base_pair_step.i_label_asym_id_2 
_ndb_struct_na_base_pair_step.i_label_comp_id_2 
_ndb_struct_na_base_pair_step.i_label_seq_id_2 
_ndb_struct_na_base_pair_step.i_symmetry_2 
_ndb_struct_na_base_pair_step.j_label_asym_id_2 
_ndb_struct_na_base_pair_step.j_label_comp_id_2 
_ndb_struct_na_base_pair_step.j_label_seq_id_2 
_ndb_struct_na_base_pair_step.j_symmetry_2 
_ndb_struct_na_base_pair_step.shift 
_ndb_struct_na_base_pair_step.slide 
_ndb_struct_na_base_pair_step.rise 
_ndb_struct_na_base_pair_step.tilt 
_ndb_struct_na_base_pair_step.roll 
_ndb_struct_na_base_pair_step.twist 
_ndb_struct_na_base_pair_step.x_displacement 
_ndb_struct_na_base_pair_step.y_displacement 
_ndb_struct_na_base_pair_step.helical_rise 
_ndb_struct_na_base_pair_step.inclination 
_ndb_struct_na_base_pair_step.tip 
_ndb_struct_na_base_pair_step.helical_twist 
_ndb_struct_na_base_pair_step.step_number 
_ndb_struct_na_base_pair_step.step_name 
_ndb_struct_na_base_pair_step.i_auth_asym_id_1 
_ndb_struct_na_base_pair_step.i_auth_seq_id_1 
_ndb_struct_na_base_pair_step.i_PDB_ins_code_1 
_ndb_struct_na_base_pair_step.j_auth_asym_id_1 
_ndb_struct_na_base_pair_step.j_auth_seq_id_1 
_ndb_struct_na_base_pair_step.j_PDB_ins_code_1 
_ndb_struct_na_base_pair_step.i_auth_asym_id_2 
_ndb_struct_na_base_pair_step.i_auth_seq_id_2 
_ndb_struct_na_base_pair_step.i_PDB_ins_code_2 
_ndb_struct_na_base_pair_step.j_auth_asym_id_2 
_ndb_struct_na_base_pair_step.j_auth_seq_id_2 
_ndb_struct_na_base_pair_step.j_PDB_ins_code_2 
1 A G 1  1_555 A C 30 1_555 A C 2  1_555 A G 29 1_555 -1.833 -1.448 3.515 -16.697 16.676 29.523 -4.669  0.415  2.945 27.804 27.839 
37.630 1  AA_G1C2:G29C30_AA   A 1  ? A 30 ? A 2  ? A 29 ? 
1 A C 2  1_555 A G 29 1_555 A G 3  1_555 A C 28 1_555 0.023  -2.050 1.846 -12.897 -1.583 18.275 -4.934  -2.880 1.641 -4.341 35.380 
22.392 2  AA_C2G3:C28G29_AA   A 2  ? A 29 ? A 3  ? A 28 ? 
1 A G 3  1_555 A C 28 1_555 A A 4  1_555 A U 27 1_555 -0.092 -1.178 3.283 15.028  13.557 44.550 -2.423  1.214  2.679 16.889 
-18.722 48.718 3  AA_G3A4:U27C28_AA   A 3  ? A 28 ? A 4  ? A 27 ? 
1 A A 4  1_555 A U 27 1_555 A C 5  1_555 A G 26 1_555 0.392  -1.344 2.959 -3.766  6.944  32.233 -3.355  -1.229 2.561 12.279 6.659 
33.162 4  AA_A4C5:G26U27_AA   A 4  ? A 27 ? A 5  ? A 26 ? 
1 A C 5  1_555 A G 26 1_555 A C 6  1_555 A A 25 1_555 1.427  -0.946 3.145 9.376   8.325  50.593 -1.623  -1.014 3.163 9.573  
-10.782 52.024 5  AA_C5C6:A25G26_AA   A 5  ? A 26 ? A 6  ? A 25 ? 
1 A C 10 1_555 A G 23 1_555 A C 11 1_555 A G 22 1_555 -0.698 -1.977 3.287 -0.155  16.098 35.016 -4.772  1.044  2.205 25.176 0.242 
38.434 6  AA_C10C11:G22G23_AA A 10 ? A 23 ? A 11 ? A 22 ? 
1 A C 11 1_555 A G 22 1_555 A A 12 1_555 A U 21 1_555 0.030  -1.695 2.536 -7.355  7.129  32.663 -3.695  -0.890 2.076 12.304 12.693 
34.190 7  AA_C11A12:U21G22_AA A 11 ? A 22 ? A 12 ? A 21 ? 
1 A A 12 1_555 A U 21 1_555 A G 13 1_555 A U 20 1_555 0.656  -2.554 2.993 4.064   11.744 17.636 -10.161 -0.602 1.197 33.439 
-11.572 21.546 8  AA_A12G13:U20U21_AA A 12 ? A 21 ? A 13 ? A 20 ? 
1 A G 13 1_555 A U 20 1_555 A C 14 1_555 A G 19 1_555 -0.602 -0.760 2.908 4.897   5.406  48.369 -1.275  1.050  2.744 6.554  -5.937 
48.883 9  AA_G13C14:G19U20_AA A 13 ? A 20 ? A 14 ? A 19 ? 
1 A C 14 1_555 A G 19 1_555 A G 15 1_555 A A 18 1_555 -2.419 -1.549 3.384 -10.613 33.665 49.123 -3.221  1.898  2.406 35.699 11.255 
59.844 10 AA_C14G15:A18G19_AA A 14 ? A 19 ? A 15 ? A 18 ? 
# 
loop_
_pdbx_nmr_spectrometer.spectrometer_id 
_pdbx_nmr_spectrometer.model 
_pdbx_nmr_spectrometer.manufacturer 
_pdbx_nmr_spectrometer.field_strength 
1 UNITYPLUS  Varian 500 
2 UNITYINOVA Bruker 600 
3 DMX        Bruker 750 
# 
_atom_sites.entry_id                    2LDZ 
_atom_sites.fract_transf_matrix[1][1]   1.000000 
_atom_sites.fract_transf_matrix[1][2]   0.000000 
_atom_sites.fract_transf_matrix[1][3]   0.000000 
_atom_sites.fract_transf_matrix[2][1]   0.000000 
_atom_sites.fract_transf_matrix[2][2]   1.000000 
_atom_sites.fract_transf_matrix[2][3]   0.000000 
_atom_sites.fract_transf_matrix[3][1]   0.000000 
_atom_sites.fract_transf_matrix[3][2]   0.000000 
_atom_sites.fract_transf_matrix[3][3]   1.000000 
_atom_sites.fract_transf_vector[1]      0.00000 
_atom_sites.fract_transf_vector[2]      0.00000 
_atom_sites.fract_transf_vector[3]      0.00000 
# 
loop_
_atom_type.symbol 
C 
H 
N 
O 
P 
# 
loop_
_atom_site.group_PDB 
_atom_site.id 
_atom_site.type_symbol 
_atom_site.label_atom_id 
_atom_site.label_alt_id 
_atom_site.label_comp_id 
_atom_site.label_asym_id 
_atom_site.label_entity_id 
_atom_site.label_seq_id 
_atom_site.pdbx_PDB_ins_code 
_atom_site.Cartn_x 
_atom_site.Cartn_y 
_atom_site.Cartn_z 
_atom_site.occupancy 
_atom_site.B_iso_or_equiv 
_atom_site.pdbx_formal_charge 
_atom_site.auth_seq_id 
_atom_site.auth_comp_id 
_atom_site.auth_asym_id 
_atom_site.auth_atom_id 
_atom_site.pdbx_PDB_model_num 
ATOM 1   O "O5'"  . G A 1 1  ? -11.990 -5.099  -0.761  1.00 4.64 ? 1  G A "O5'"  1 
ATOM 2   C "C5'"  . G A 1 1  ? -13.235 -4.840  -0.106  1.00 4.73 ? 1  G A "C5'"  1 
ATOM 3   C "C4'"  . G A 1 1  ? -14.251 -4.210  -1.056  1.00 4.97 ? 1  G A "C4'"  1 
ATOM 4   O "O4'"  . G A 1 1  ? -15.404 -3.748  -0.351  1.00 5.08 ? 1  G A "O4'"  1 
ATOM 5   C "C3'"  . G A 1 1  ? -13.674 -2.986  -1.746  1.00 4.92 ? 1  G A "C3'"  1 
ATOM 6   O "O3'"  . G A 1 1  ? -13.088 -3.393  -2.988  1.00 5.06 ? 1  G A "O3'"  1 
ATOM 7   C "C2'"  . G A 1 1  ? -14.903 -2.144  -2.041  1.00 5.18 ? 1  G A "C2'"  1 
ATOM 8   O "O2'"  . G A 1 1  ? -15.487 -2.483  -3.305  1.00 5.54 ? 1  G A "O2'"  1 
ATOM 9   C "C1'"  . G A 1 1  ? -15.842 -2.489  -0.890  1.00 5.23 ? 1  G A "C1'"  1 
ATOM 10  N N9     . G A 1 1  ? -15.822 -1.432  0.141   1.00 5.13 ? 1  G A N9     1 
ATOM 11  C C8     . G A 1 1  ? -15.126 -1.366  1.303   1.00 4.86 ? 1  G A C8     1 
ATOM 12  N N7     . G A 1 1  ? -15.272 -0.309  2.028   1.00 4.90 ? 1  G A N7     1 
ATOM 13  C C5     . G A 1 1  ? -16.177 0.438   1.266   1.00 5.22 ? 1  G A C5     1 
ATOM 14  C C6     . G A 1 1  ? -16.742 1.715   1.519   1.00 5.47 ? 1  G A C6     1 
ATOM 15  O O6     . G A 1 1  ? -16.555 2.454   2.483   1.00 5.45 ? 1  G A O6     1 
ATOM 16  N N1     . G A 1 1  ? -17.604 2.104   0.500   1.00 5.82 ? 1  G A N1     1 
ATOM 17  C C2     . G A 1 1  ? -17.891 1.356   -0.626  1.00 5.94 ? 1  G A C2     1 
ATOM 18  N N2     . G A 1 1  ? -18.747 1.898   -1.492  1.00 6.34 ? 1  G A N2     1 
ATOM 19  N N3     . G A 1 1  ? -17.363 0.153   -0.870  1.00 5.73 ? 1  G A N3     1 
ATOM 20  C C4     . G A 1 1  ? -16.519 -0.245  0.109   1.00 5.36 ? 1  G A C4     1 
ATOM 21  H "H5'"  . G A 1 1  ? -13.063 -4.161  0.730   1.00 4.82 ? 1  G A "H5'"  1 
ATOM 22  H "H5''" . G A 1 1  ? -13.638 -5.778  0.275   1.00 4.89 ? 1  G A "H5''" 1 
ATOM 23  H "H4'"  . G A 1 1  ? -14.556 -4.941  -1.805  1.00 5.18 ? 1  G A "H4'"  1 
ATOM 24  H "H3'"  . G A 1 1  ? -12.965 -2.455  -1.109  1.00 4.68 ? 1  G A "H3'"  1 
ATOM 25  H "H2'"  . G A 1 1  ? -14.644 -1.084  -2.005  1.00 5.11 ? 1  G A "H2'"  1 
ATOM 26  H "HO2'" . G A 1 1  ? -16.238 -1.899  -3.438  1.00 5.82 ? 1  G A "HO2'" 1 
ATOM 27  H "H1'"  . G A 1 1  ? -16.855 -2.593  -1.277  1.00 5.53 ? 1  G A "H1'"  1 
ATOM 28  H H8     . G A 1 1  ? -14.469 -2.179  1.615   1.00 4.67 ? 1  G A H8     1 
ATOM 29  H H1     . G A 1 1  ? -18.040 3.009   0.610   1.00 6.04 ? 1  G A H1     1 
ATOM 30  H H21    . G A 1 1  ? -19.146 2.807   -1.307  1.00 6.53 ? 1  G A H21    1 
ATOM 31  H H22    . G A 1 1  ? -18.999 1.398   -2.333  1.00 6.49 ? 1  G A H22    1 
ATOM 32  H "HO5'" . G A 1 1  ? -11.869 -6.051  -0.778  1.00 4.77 ? 1  G A "HO5'" 1 
ATOM 33  P P      . C A 1 2  ? -12.181 -2.373  -3.846  1.00 5.04 ? 2  C A P      1 
ATOM 34  O OP1    . C A 1 2  ? -11.562 -3.128  -4.958  1.00 5.27 ? 2  C A OP1    1 
ATOM 35  O OP2    . C A 1 2  ? -11.327 -1.609  -2.908  1.00 4.69 ? 2  C A OP2    1 
ATOM 36  O "O5'"  . C A 1 2  ? -13.274 -1.362  -4.465  1.00 5.32 ? 2  C A "O5'"  1 
ATOM 37  C "C5'"  . C A 1 2  ? -14.069 -1.742  -5.595  1.00 5.75 ? 2  C A "C5'"  1 
ATOM 38  C "C4'"  . C A 1 2  ? -14.594 -0.523  -6.350  1.00 6.00 ? 2  C A "C4'"  1 
ATOM 39  O "O4'"  . C A 1 2  ? -15.682 0.094   -5.655  1.00 6.05 ? 2  C A "O4'"  1 
ATOM 40  C "C3'"  . C A 1 2  ? -13.523 0.549   -6.474  1.00 5.83 ? 2  C A "C3'"  1 
ATOM 41  O "O3'"  . C A 1 2  ? -12.828 0.353   -7.709  1.00 6.03 ? 2  C A "O3'"  1 
ATOM 42  C "C2'"  . C A 1 2  ? -14.332 1.831   -6.562  1.00 6.02 ? 2  C A "C2'"  1 
ATOM 43  O "O2'"  . C A 1 2  ? -14.742 2.106   -7.907  1.00 6.44 ? 2  C A "O2'"  1 
ATOM 44  C "C1'"  . C A 1 2  ? -15.529 1.525   -5.664  1.00 6.06 ? 2  C A "C1'"  1 
ATOM 45  N N1     . C A 1 2  ? -15.312 2.044   -4.293  1.00 5.75 ? 2  C A N1     1 
ATOM 46  C C2     . C A 1 2  ? -15.316 3.423   -4.117  1.00 5.79 ? 2  C A C2     1 
ATOM 47  O O2     . C A 1 2  ? -15.500 4.173   -5.075  1.00 6.07 ? 2  C A O2     1 
ATOM 48  N N3     . C A 1 2  ? -15.109 3.913   -2.863  1.00 5.58 ? 2  C A N3     1 
ATOM 49  C C4     . C A 1 2  ? -14.907 3.088   -1.827  1.00 5.33 ? 2  C A C4     1 
ATOM 50  N N4     . C A 1 2  ? -14.710 3.599   -0.613  1.00 5.19 ? 2  C A N4     1 
ATOM 51  C C5     . C A 1 2  ? -14.902 1.670   -2.005  1.00 5.27 ? 2  C A C5     1 
ATOM 52  C C6     . C A 1 2  ? -15.110 1.194   -3.246  1.00 5.49 ? 2  C A C6     1 
ATOM 53  H "H5'"  . C A 1 2  ? -14.916 -2.335  -5.249  1.00 5.86 ? 2  C A "H5'"  1 
ATOM 54  H "H5''" . C A 1 2  ? -13.464 -2.345  -6.271  1.00 5.86 ? 2  C A "H5''" 1 
ATOM 55  H "H4'"  . C A 1 2  ? -14.928 -0.821  -7.342  1.00 6.31 ? 2  C A "H4'"  1 
ATOM 56  H "H3'"  . C A 1 2  ? -12.852 0.554   -5.615  1.00 5.52 ? 2  C A "H3'"  1 
ATOM 57  H "H2'"  . C A 1 2  ? -13.757 2.665   -6.151  1.00 5.84 ? 2  C A "H2'"  1 
ATOM 58  H "HO2'" . C A 1 2  ? -15.483 1.527   -8.103  1.00 6.61 ? 2  C A "HO2'" 1 
ATOM 59  H "H1'"  . C A 1 2  ? -16.424 1.981   -6.085  1.00 6.39 ? 2  C A "H1'"  1 
ATOM 60  H H41    . C A 1 2  ? -14.712 4.600   -0.481  1.00 5.27 ? 2  C A H41    1 
ATOM 61  H H42    . C A 1 2  ? -14.557 2.986   0.175   1.00 5.05 ? 2  C A H42    1 
ATOM 62  H H5     . C A 1 2  ? -14.731 0.998   -1.165  1.00 5.11 ? 2  C A H5     1 
ATOM 63  H H6     . C A 1 2  ? -15.127 0.116   -3.414  1.00 5.50 ? 2  C A H6     1 
ATOM 64  P P      . G A 1 3  ? -11.309 0.858   -7.887  1.00 5.86 ? 3  G A P      1 
ATOM 65  O OP1    . G A 1 3  ? -10.636 -0.039  -8.851  1.00 6.19 ? 3  G A OP1    1 
ATOM 66  O OP2    . G A 1 3  ? -10.728 1.069   -6.542  1.00 5.47 ? 3  G A OP2    1 
ATOM 67  O "O5'"  . G A 1 3  ? -11.503 2.295   -8.589  1.00 5.99 ? 3  G A "O5'"  1 
ATOM 68  C "C5'"  . G A 1 3  ? -10.817 3.451   -8.098  1.00 6.03 ? 3  G A "C5'"  1 
ATOM 69  C "C4'"  . G A 1 3  ? -11.690 4.699   -8.190  1.00 6.17 ? 3  G A "C4'"  1 
ATOM 70  O "O4'"  . G A 1 3  ? -12.754 4.662   -7.236  1.00 6.06 ? 3  G A "O4'"  1 
ATOM 71  C "C3'"  . G A 1 3  ? -10.892 5.952   -7.869  1.00 5.89 ? 3  G A "C3'"  1 
ATOM 72  O "O3'"  . G A 1 3  ? -10.374 6.485   -9.093  1.00 6.24 ? 3  G A "O3'"  1 
ATOM 73  C "C2'"  . G A 1 3  ? -11.947 6.901   -7.329  1.00 5.91 ? 3  G A "C2'"  1 
ATOM 74  O "O2'"  . G A 1 3  ? -12.594 7.626   -8.383  1.00 6.40 ? 3  G A "O2'"  1 
ATOM 75  C "C1'"  . G A 1 3  ? -12.920 5.954   -6.628  1.00 5.91 ? 3  G A "C1'"  1 
ATOM 76  N N9     . G A 1 3  ? -12.648 5.892   -5.178  1.00 5.40 ? 3  G A N9     1 
ATOM 77  C C8     . G A 1 3  ? -12.315 4.829   -4.403  1.00 5.05 ? 3  G A C8     1 
ATOM 78  N N7     . G A 1 3  ? -12.140 5.039   -3.142  1.00 4.66 ? 3  G A N7     1 
ATOM 79  C C5     . G A 1 3  ? -12.383 6.412   -3.044  1.00 4.78 ? 3  G A C5     1 
ATOM 80  C C6     . G A 1 3  ? -12.350 7.262   -1.907  1.00 4.57 ? 3  G A C6     1 
ATOM 81  O O6     . G A 1 3  ? -12.096 6.967   -0.743  1.00 4.22 ? 3  G A O6     1 
ATOM 82  N N1     . G A 1 3  ? -12.655 8.574   -2.244  1.00 4.87 ? 3  G A N1     1 
ATOM 83  C C2     . G A 1 3  ? -12.955 9.020   -3.516  1.00 5.29 ? 3  G A C2     1 
ATOM 84  N N2     . G A 1 3  ? -13.215 10.321  -3.641  1.00 5.55 ? 3  G A N2     1 
ATOM 85  N N3     . G A 1 3  ? -12.988 8.227   -4.591  1.00 5.49 ? 3  G A N3     1 
ATOM 86  C C4     . G A 1 3  ? -12.694 6.942   -4.287  1.00 5.23 ? 3  G A C4     1 
ATOM 87  H "H5'"  . G A 1 3  ? -9.912  3.604   -8.686  1.00 6.40 ? 3  G A "H5'"  1 
ATOM 88  H "H5''" . G A 1 3  ? -10.541 3.287   -7.055  1.00 5.82 ? 3  G A "H5''" 1 
ATOM 89  H "H4'"  . G A 1 3  ? -12.110 4.780   -9.192  1.00 6.59 ? 3  G A "H4'"  1 
ATOM 90  H "H3'"  . G A 1 3  ? -10.108 5.760   -7.135  1.00 5.50 ? 3  G A "H3'"  1 
ATOM 91  H "H2'"  . G A 1 3  ? -11.499 7.585   -6.603  1.00 5.58 ? 3  G A "H2'"  1 
ATOM 92  H "HO2'" . G A 1 3  ? -12.050 7.533   -9.168  1.00 6.45 ? 3  G A "HO2'" 1 
ATOM 93  H "H1'"  . G A 1 3  ? -13.941 6.300   -6.789  1.00 6.23 ? 3  G A "H1'"  1 
ATOM 94  H H8     . G A 1 3  ? -12.199 3.834   -4.831  1.00 5.12 ? 3  G A H8     1 
ATOM 95  H H1     . G A 1 3  ? -12.651 9.238   -1.484  1.00 4.79 ? 3  G A H1     1 
ATOM 96  H H21    . G A 1 3  ? -13.189 10.921  -2.828  1.00 5.45 ? 3  G A H21    1 
ATOM 97  H H22    . G A 1 3  ? -13.437 10.708  -4.547  1.00 5.88 ? 3  G A H22    1 
ATOM 98  P P      . A A 1 4  ? -8.846  6.982   -9.192  1.00 6.06 ? 4  A A P      1 
ATOM 99  O OP1    . A A 1 4  ? -8.485  7.085   -10.624 1.00 6.56 ? 4  A A OP1    1 
ATOM 100 O OP2    . A A 1 4  ? -8.025  6.151   -8.282  1.00 5.62 ? 4  A A OP2    1 
ATOM 101 O "O5'"  . A A 1 4  ? -8.921  8.470   -8.583  1.00 5.88 ? 4  A A "O5'"  1 
ATOM 102 C "C5'"  . A A 1 4  ? -9.724  9.479   -9.209  1.00 6.31 ? 4  A A "C5'"  1 
ATOM 103 C "C4'"  . A A 1 4  ? -9.786  10.746  -8.362  1.00 6.13 ? 4  A A "C4'"  1 
ATOM 104 O "O4'"  . A A 1 4  ? -10.625 10.563  -7.221  1.00 5.87 ? 4  A A "O4'"  1 
ATOM 105 C "C3'"  . A A 1 4  ? -8.415  11.110  -7.818  1.00 5.77 ? 4  A A "C3'"  1 
ATOM 106 O "O3'"  . A A 1 4  ? -7.794  12.024  -8.729  1.00 6.11 ? 4  A A "O3'"  1 
ATOM 107 C "C2'"  . A A 1 4  ? -8.740  11.845  -6.529  1.00 5.45 ? 4  A A "C2'"  1 
ATOM 108 O "O2'"  . A A 1 4  ? -8.958  13.243  -6.757  1.00 5.75 ? 4  A A "O2'"  1 
ATOM 109 C "C1'"  . A A 1 4  ? -10.016 11.151  -6.060  1.00 5.45 ? 4  A A "C1'"  1 
ATOM 110 N N9     . A A 1 4  ? -9.726  10.121  -5.045  1.00 4.95 ? 4  A A N9     1 
ATOM 111 C C8     . A A 1 4  ? -9.256  8.858   -5.199  1.00 4.76 ? 4  A A C8     1 
ATOM 112 N N7     . A A 1 4  ? -9.120  8.138   -4.136  1.00 4.32 ? 4  A A N7     1 
ATOM 113 C C5     . A A 1 4  ? -9.548  9.022   -3.142  1.00 4.21 ? 4  A A C5     1 
ATOM 114 C C6     . A A 1 4  ? -9.663  8.903   -1.753  1.00 3.86 ? 4  A A C6     1 
ATOM 115 N N6     . A A 1 4  ? -9.350  7.790   -1.089  1.00 3.48 ? 4  A A N6     1 
ATOM 116 N N1     . A A 1 4  ? -10.119 9.971   -1.076  1.00 3.99 ? 4  A A N1     1 
ATOM 117 C C2     . A A 1 4  ? -10.445 11.092  -1.721  1.00 4.40 ? 4  A A C2     1 
ATOM 118 N N3     . A A 1 4  ? -10.376 11.314  -3.029  1.00 4.71 ? 4  A A N3     1 
ATOM 119 C C4     . A A 1 4  ? -9.916  10.231  -3.686  1.00 4.61 ? 4  A A C4     1 
ATOM 120 H "H5'"  . A A 1 4  ? -10.734 9.094   -9.349  1.00 6.53 ? 4  A A "H5'"  1 
ATOM 121 H "H5''" . A A 1 4  ? -9.296  9.720   -10.182 1.00 6.62 ? 4  A A "H5''" 1 
ATOM 122 H "H4'"  . A A 1 4  ? -10.174 11.571  -8.959  1.00 6.49 ? 4  A A "H4'"  1 
ATOM 123 H "H3'"  . A A 1 4  ? -7.802  10.228  -7.631  1.00 5.54 ? 4  A A "H3'"  1 
ATOM 124 H "H2'"  . A A 1 4  ? -7.941  11.691  -5.800  1.00 5.06 ? 4  A A "H2'"  1 
ATOM 125 H "HO2'" . A A 1 4  ? -8.378  13.723  -6.164  1.00 5.72 ? 4  A A "HO2'" 1 
ATOM 126 H "H1'"  . A A 1 4  ? -10.691 11.893  -5.635  1.00 5.58 ? 4  A A "H1'"  1 
ATOM 127 H H8     . A A 1 4  ? -8.999  8.466   -6.183  1.00 5.00 ? 4  A A H8     1 
ATOM 128 H H61    . A A 1 4  ? -9.452  7.757   -0.084  1.00 3.28 ? 4  A A H61    1 
ATOM 129 H H62    . A A 1 4  ? -9.013  6.981   -1.590  1.00 3.44 ? 4  A A H62    1 
ATOM 130 H H2     . A A 1 4  ? -10.807 11.917  -1.108  1.00 4.53 ? 4  A A H2     1 
ATOM 131 P P      . C A 1 5  ? -6.200  12.246  -8.715  1.00 5.98 ? 5  C A P      1 
ATOM 132 O OP1    . C A 1 5  ? -5.815  12.908  -9.982  1.00 6.50 ? 5  C A OP1    1 
ATOM 133 O OP2    . C A 1 5  ? -5.557  10.970  -8.324  1.00 5.69 ? 5  C A OP2    1 
ATOM 134 O "O5'"  . C A 1 5  ? -6.007  13.304  -7.517  1.00 5.62 ? 5  C A "O5'"  1 
ATOM 135 C "C5'"  . C A 1 5  ? -5.253  12.960  -6.351  1.00 5.08 ? 5  C A "C5'"  1 
ATOM 136 C "C4'"  . C A 1 5  ? -5.790  13.664  -5.108  1.00 4.81 ? 5  C A "C4'"  1 
ATOM 137 O "O4'"  . C A 1 5  ? -6.967  13.019  -4.608  1.00 4.69 ? 5  C A "O4'"  1 
ATOM 138 C "C3'"  . C A 1 5  ? -4.780  13.613  -3.974  1.00 4.35 ? 5  C A "C3'"  1 
ATOM 139 O "O3'"  . C A 1 5  ? -3.975  14.794  -4.029  1.00 4.53 ? 5  C A "O3'"  1 
ATOM 140 C "C2'"  . C A 1 5  ? -5.657  13.674  -2.739  1.00 4.08 ? 5  C A "C2'"  1 
ATOM 141 O "O2'"  . C A 1 5  ? -6.003  15.023  -2.400  1.00 4.30 ? 5  C A "O2'"  1 
ATOM 142 C "C1'"  . C A 1 5  ? -6.881  12.878  -3.178  1.00 4.22 ? 5  C A "C1'"  1 
ATOM 143 N N1     . C A 1 5  ? -6.752  11.456  -2.788  1.00 3.84 ? 5  C A N1     1 
ATOM 144 C C2     . C A 1 5  ? -6.898  11.143  -1.442  1.00 3.43 ? 5  C A C2     1 
ATOM 145 O O2     . C A 1 5  ? -7.134  12.028  -0.621  1.00 3.44 ? 5  C A O2     1 
ATOM 146 N N3     . C A 1 5  ? -6.774  9.841   -1.066  1.00 3.08 ? 5  C A N3     1 
ATOM 147 C C4     . C A 1 5  ? -6.518  8.885   -1.967  1.00 3.16 ? 5  C A C4     1 
ATOM 148 N N4     . C A 1 5  ? -6.403  7.622   -1.560  1.00 2.86 ? 5  C A N4     1 
ATOM 149 C C5     . C A 1 5  ? -6.368  9.201   -3.354  1.00 3.63 ? 5  C A C5     1 
ATOM 150 C C6     . C A 1 5  ? -6.492  10.490  -3.719  1.00 3.94 ? 5  C A C6     1 
ATOM 151 H "H5'"  . C A 1 5  ? -4.213  13.251  -6.503  1.00 5.08 ? 5  C A "H5'"  1 
ATOM 152 H "H5''" . C A 1 5  ? -5.302  11.881  -6.200  1.00 4.91 ? 5  C A "H5''" 1 
ATOM 153 H "H4'"  . C A 1 5  ? -6.023  14.701  -5.344  1.00 5.09 ? 5  C A "H4'"  1 
ATOM 154 H "H3'"  . C A 1 5  ? -4.184  12.699  -4.001  1.00 4.18 ? 5  C A "H3'"  1 
ATOM 155 H "H2'"  . C A 1 5  ? -5.163  13.175  -1.901  1.00 3.69 ? 5  C A "H2'"  1 
ATOM 156 H "HO2'" . C A 1 5  ? -5.199  15.460  -2.110  1.00 4.38 ? 5  C A "HO2'" 1 
ATOM 157 H "H1'"  . C A 1 5  ? -7.774  13.301  -2.718  1.00 4.33 ? 5  C A "H1'"  1 
ATOM 158 H H41    . C A 1 5  ? -6.508  7.395   -0.582  1.00 2.55 ? 5  C A H41    1 
ATOM 159 H H42    . C A 1 5  ? -6.212  6.890   -2.231  1.00 2.99 ? 5  C A H42    1 
ATOM 160 H H5     . C A 1 5  ? -6.159  8.424   -4.090  1.00 3.77 ? 5  C A H5     1 
ATOM 161 H H6     . C A 1 5  ? -6.387  10.768  -4.767  1.00 4.32 ? 5  C A H6     1 
ATOM 162 P P      . C A 1 6  ? -2.440  14.765  -3.545  1.00 4.34 ? 6  C A P      1 
ATOM 163 O OP1    . C A 1 6  ? -1.706  15.824  -4.272  1.00 4.68 ? 6  C A OP1    1 
ATOM 164 O OP2    . C A 1 6  ? -1.960  13.364  -3.597  1.00 4.44 ? 6  C A OP2    1 
ATOM 165 O "O5'"  . C A 1 6  ? -2.554  15.203  -1.999  1.00 3.86 ? 6  C A "O5'"  1 
ATOM 166 C "C5'"  . C A 1 6  ? -1.584  14.766  -1.043  1.00 3.53 ? 6  C A "C5'"  1 
ATOM 167 C "C4'"  . C A 1 6  ? -2.229  13.988  0.102   1.00 2.99 ? 6  C A "C4'"  1 
ATOM 168 O "O4'"  . C A 1 6  ? -3.300  13.169  -0.362  1.00 2.90 ? 6  C A "O4'"  1 
ATOM 169 C "C3'"  . C A 1 6  ? -1.236  13.035  0.743   1.00 2.66 ? 6  C A "C3'"  1 
ATOM 170 O "O3'"  . C A 1 6  ? -0.602  13.718  1.829   1.00 2.68 ? 6  C A "O3'"  1 
ATOM 171 C "C2'"  . C A 1 6  ? -2.120  11.930  1.308   1.00 2.21 ? 6  C A "C2'"  1 
ATOM 172 O "O2'"  . C A 1 6  ? -2.487  12.197  2.668   1.00 2.08 ? 6  C A "O2'"  1 
ATOM 173 C "C1'"  . C A 1 6  ? -3.347  11.947  0.392   1.00 2.43 ? 6  C A "C1'"  1 
ATOM 174 N N1     . C A 1 6  ? -3.361  10.769  -0.506  1.00 2.51 ? 6  C A N1     1 
ATOM 175 C C2     . C A 1 6  ? -3.705  9.541   0.048   1.00 2.18 ? 6  C A C2     1 
ATOM 176 O O2     . C A 1 6  ? -3.968  9.453   1.245   1.00 1.84 ? 6  C A O2     1 
ATOM 177 N N3     . C A 1 6  ? -3.732  8.451   -0.767  1.00 2.35 ? 6  C A N3     1 
ATOM 178 C C4     . C A 1 6  ? -3.436  8.557   -2.069  1.00 2.84 ? 6  C A C4     1 
ATOM 179 N N4     . C A 1 6  ? -3.470  7.468   -2.836  1.00 3.08 ? 6  C A N4     1 
ATOM 180 C C5     . C A 1 6  ? -3.082  9.819   -2.644  1.00 3.19 ? 6  C A C5     1 
ATOM 181 C C6     . C A 1 6  ? -3.057  10.892  -1.831  1.00 3.00 ? 6  C A C6     1 
ATOM 182 H "H5'"  . C A 1 6  ? -1.072  15.638  -0.635  1.00 3.80 ? 6  C A "H5'"  1 
ATOM 183 H "H5''" . C A 1 6  ? -0.853  14.128  -1.541  1.00 3.64 ? 6  C A "H5''" 1 
ATOM 184 H "H4'"  . C A 1 6  ? -2.605  14.682  0.851   1.00 3.02 ? 6  C A "H4'"  1 
ATOM 185 H "H3'"  . C A 1 6  ? -0.516  12.648  0.020   1.00 2.85 ? 6  C A "H3'"  1 
ATOM 186 H "H2'"  . C A 1 6  ? -1.610  10.965  1.231   1.00 2.08 ? 6  C A "H2'"  1 
ATOM 187 H "HO2'" . C A 1 6  ? -1.848  12.824  3.018   1.00 2.33 ? 6  C A "HO2'" 1 
ATOM 188 H "H1'"  . C A 1 6  ? -4.249  11.939  1.003   1.00 2.34 ? 6  C A "H1'"  1 
ATOM 189 H H41    . C A 1 6  ? -3.719  6.575   -2.435  1.00 2.89 ? 6  C A H41    1 
ATOM 190 H H42    . C A 1 6  ? -3.249  7.535   -3.820  1.00 3.49 ? 6  C A H42    1 
ATOM 191 H H5     . C A 1 6  ? -2.841  9.908   -3.703  1.00 3.63 ? 6  C A H5     1 
ATOM 192 H H6     . C A 1 6  ? -2.792  11.868  -2.237  1.00 3.30 ? 6  C A H6     1 
ATOM 193 P P      . G A 1 7  ? 0.992   13.638  2.042   1.00 2.85 ? 7  G A P      1 
ATOM 194 O OP1    . G A 1 7  ? 1.383   14.695  3.001   1.00 3.25 ? 7  G A OP1    1 
ATOM 195 O OP2    . G A 1 7  ? 1.634   13.577  0.710   1.00 3.22 ? 7  G A OP2    1 
ATOM 196 O "O5'"  . G A 1 7  ? 1.181   12.210  2.762   1.00 2.37 ? 7  G A "O5'"  1 
ATOM 197 C "C5'"  . G A 1 7  ? 0.688   11.993  4.088   1.00 2.25 ? 7  G A "C5'"  1 
ATOM 198 C "C4'"  . G A 1 7  ? 0.374   10.522  4.334   1.00 2.00 ? 7  G A "C4'"  1 
ATOM 199 O "O4'"  . G A 1 7  ? -0.443  9.990   3.283   1.00 2.29 ? 7  G A "O4'"  1 
ATOM 200 C "C3'"  . G A 1 7  ? 1.655   9.683   4.363   1.00 1.89 ? 7  G A "C3'"  1 
ATOM 201 O "O3'"  . G A 1 7  ? 1.543   8.726   5.422   1.00 1.86 ? 7  G A "O3'"  1 
ATOM 202 C "C2'"  . G A 1 7  ? 1.639   8.936   3.040   1.00 2.19 ? 7  G A "C2'"  1 
ATOM 203 O "O2'"  . G A 1 7  ? 2.273   7.656   3.143   1.00 2.62 ? 7  G A "O2'"  1 
ATOM 204 C "C1'"  . G A 1 7  ? 0.152   8.798   2.770   1.00 2.33 ? 7  G A "C1'"  1 
ATOM 205 N N9     . G A 1 7  ? -0.119  8.640   1.327   1.00 2.91 ? 7  G A N9     1 
ATOM 206 C C8     . G A 1 7  ? -0.991  7.814   0.701   1.00 2.95 ? 7  G A C8     1 
ATOM 207 N N7     . G A 1 7  ? -1.032  7.854   -0.587  1.00 3.62 ? 7  G A N7     1 
ATOM 208 C C5     . G A 1 7  ? -0.073  8.827   -0.876  1.00 4.11 ? 7  G A C5     1 
ATOM 209 C C6     . G A 1 7  ? 0.359   9.335   -2.130  1.00 5.00 ? 7  G A C6     1 
ATOM 210 O O6     . G A 1 7  ? -0.030  9.025   -3.254  1.00 5.50 ? 7  G A O6     1 
ATOM 211 N N1     . G A 1 7  ? 1.344   10.302  -1.976  1.00 5.34 ? 7  G A N1     1 
ATOM 212 C C2     . G A 1 7  ? 1.854   10.732  -0.767  1.00 4.90 ? 7  G A C2     1 
ATOM 213 N N2     . G A 1 7  ? 2.805   11.663  -0.827  1.00 5.41 ? 7  G A N2     1 
ATOM 214 N N3     . G A 1 7  ? 1.452   10.260  0.417   1.00 4.06 ? 7  G A N3     1 
ATOM 215 C C4     . G A 1 7  ? 0.493   9.315   0.292   1.00 3.69 ? 7  G A C4     1 
ATOM 216 H "H5'"  . G A 1 7  ? -0.220  12.579  4.231   1.00 2.61 ? 7  G A "H5'"  1 
ATOM 217 H "H5''" . G A 1 7  ? 1.441   12.322  4.805   1.00 2.37 ? 7  G A "H5''" 1 
ATOM 218 H "H4'"  . G A 1 7  ? -0.149  10.417  5.284   1.00 2.15 ? 7  G A "H4'"  1 
ATOM 219 H "H3'"  . G A 1 7  ? 2.547   10.304  4.465   1.00 2.11 ? 7  G A "H3'"  1 
ATOM 220 H "H2'"  . G A 1 7  ? 2.109   9.543   2.261   1.00 2.39 ? 7  G A "H2'"  1 
ATOM 221 H "HO2'" . G A 1 7  ? 1.578   6.993   3.155   1.00 3.07 ? 7  G A "HO2'" 1 
ATOM 222 H "H1'"  . G A 1 7  ? -0.237  7.935   3.311   1.00 2.42 ? 7  G A "H1'"  1 
ATOM 223 H H8     . G A 1 7  ? -1.636  7.143   1.267   1.00 2.54 ? 7  G A H8     1 
ATOM 224 H H1     . G A 1 7  ? 1.701   10.711  -2.828  1.00 6.00 ? 7  G A H1     1 
ATOM 225 H H21    . G A 1 7  ? 3.108   12.019  -1.721  1.00 6.07 ? 7  G A H21    1 
ATOM 226 H H22    . G A 1 7  ? 3.223   12.013  0.024   1.00 5.18 ? 7  G A H22    1 
ATOM 227 P P      . A A 1 8  ? 1.955   9.113   6.930   1.00 2.02 ? 8  A A P      1 
ATOM 228 O OP1    . A A 1 8  ? 0.855   9.909   7.521   1.00 2.34 ? 8  A A OP1    1 
ATOM 229 O OP2    . A A 1 8  ? 3.331   9.657   6.910   1.00 2.24 ? 8  A A OP2    1 
ATOM 230 O "O5'"  . A A 1 8  ? 1.992   7.677   7.656   1.00 1.85 ? 8  A A "O5'"  1 
ATOM 231 C "C5'"  . A A 1 8  ? 0.929   7.265   8.524   1.00 1.72 ? 8  A A "C5'"  1 
ATOM 232 C "C4'"  . A A 1 8  ? 0.968   5.762   8.802   1.00 1.55 ? 8  A A "C4'"  1 
ATOM 233 O "O4'"  . A A 1 8  ? 0.026   5.062   7.980   1.00 1.44 ? 8  A A "O4'"  1 
ATOM 234 C "C3'"  . A A 1 8  ? 2.337   5.171   8.479   1.00 1.56 ? 8  A A "C3'"  1 
ATOM 235 O "O3'"  . A A 1 8  ? 3.088   5.083   9.695   1.00 1.68 ? 8  A A "O3'"  1 
ATOM 236 C "C2'"  . A A 1 8  ? 2.009   3.766   8.003   1.00 1.45 ? 8  A A "C2'"  1 
ATOM 237 O "O2'"  . A A 1 8  ? 1.907   2.843   9.095   1.00 1.52 ? 8  A A "O2'"  1 
ATOM 238 C "C1'"  . A A 1 8  ? 0.666   3.964   7.313   1.00 1.35 ? 8  A A "C1'"  1 
ATOM 239 N N9     . A A 1 8  ? 0.847   4.250   5.877   1.00 1.35 ? 8  A A N9     1 
ATOM 240 C C8     . A A 1 8  ? 1.171   5.413   5.258   1.00 1.49 ? 8  A A C8     1 
ATOM 241 N N7     . A A 1 8  ? 1.272   5.396   3.973   1.00 1.57 ? 8  A A N7     1 
ATOM 242 C C5     . A A 1 8  ? 0.984   4.060   3.684   1.00 1.43 ? 8  A A C5     1 
ATOM 243 C C6     . A A 1 8  ? 0.916   3.344   2.484   1.00 1.45 ? 8  A A C6     1 
ATOM 244 N N6     . A A 1 8  ? 1.144   3.895   1.292   1.00 1.64 ? 8  A A N6     1 
ATOM 245 N N1     . A A 1 8  ? 0.604   2.039   2.559   1.00 1.36 ? 8  A A N1     1 
ATOM 246 C C2     . A A 1 8  ? 0.374   1.467   3.742   1.00 1.27 ? 8  A A C2     1 
ATOM 247 N N3     . A A 1 8  ? 0.411   2.049   4.937   1.00 1.25 ? 8  A A N3     1 
ATOM 248 C C4     . A A 1 8  ? 0.724   3.355   4.837   1.00 1.30 ? 8  A A C4     1 
ATOM 249 H "H5'"  . A A 1 8  ? -0.025  7.515   8.060   1.00 1.83 ? 8  A A "H5'"  1 
ATOM 250 H "H5''" . A A 1 8  ? 1.016   7.803   9.468   1.00 1.85 ? 8  A A "H5''" 1 
ATOM 251 H "H4'"  . A A 1 8  ? 0.733   5.581   9.850   1.00 1.59 ? 8  A A "H4'"  1 
ATOM 252 H "H3'"  . A A 1 8  ? 2.857   5.747   7.713   1.00 1.63 ? 8  A A "H3'"  1 
ATOM 253 H "H2'"  . A A 1 8  ? 2.756   3.432   7.278   1.00 1.48 ? 8  A A "H2'"  1 
ATOM 254 H "HO2'" . A A 1 8  ? 1.477   3.304   9.819   1.00 1.52 ? 8  A A "HO2'" 1 
ATOM 255 H "H1'"  . A A 1 8  ? 0.062   3.066   7.431   1.00 1.32 ? 8  A A "H1'"  1 
ATOM 256 H H8     . A A 1 8  ? 1.336   6.329   5.826   1.00 1.59 ? 8  A A H8     1 
ATOM 257 H H61    . A A 1 8  ? 1.081   3.333   0.455   1.00 1.69 ? 8  A A H61    1 
ATOM 258 H H62    . A A 1 8  ? 1.380   4.875   1.225   1.00 1.78 ? 8  A A H62    1 
ATOM 259 H H2     . A A 1 8  ? 0.126   0.407   3.728   1.00 1.29 ? 8  A A H2     1 
ATOM 260 P P      . G A 1 9  ? 4.377   6.022   9.934   1.00 1.84 ? 9  G A P      1 
ATOM 261 O OP1    . G A 1 9  ? 4.917   5.730   11.281  1.00 1.94 ? 9  G A OP1    1 
ATOM 262 O OP2    . G A 1 9  ? 4.016   7.410   9.569   1.00 1.98 ? 9  G A OP2    1 
ATOM 263 O "O5'"  . G A 1 9  ? 5.426   5.470   8.841   1.00 1.82 ? 9  G A "O5'"  1 
ATOM 264 C "C5'"  . G A 1 9  ? 5.653   4.065   8.697   1.00 1.73 ? 9  G A "C5'"  1 
ATOM 265 C "C4'"  . G A 1 9  ? 5.352   3.582   7.276   1.00 1.66 ? 9  G A "C4'"  1 
ATOM 266 O "O4'"  . G A 1 9  ? 4.626   4.571   6.538   1.00 1.66 ? 9  G A "O4'"  1 
ATOM 267 C "C3'"  . G A 1 9  ? 6.641   3.307   6.494   1.00 1.76 ? 9  G A "C3'"  1 
ATOM 268 O "O3'"  . G A 1 9  ? 6.504   2.038   5.842   1.00 1.70 ? 9  G A "O3'"  1 
ATOM 269 C "C2'"  . G A 1 9  ? 6.677   4.389   5.423   1.00 1.82 ? 9  G A "C2'"  1 
ATOM 270 O "O2'"  . G A 1 9  ? 7.261   3.910   4.206   1.00 1.88 ? 9  G A "O2'"  1 
ATOM 271 C "C1'"  . G A 1 9  ? 5.206   4.714   5.244   1.00 1.72 ? 9  G A "C1'"  1 
ATOM 272 N N9     . G A 1 9  ? 5.024   6.082   4.723   1.00 1.84 ? 9  G A N9     1 
ATOM 273 C C8     . G A 1 9  ? 4.560   7.191   5.350   1.00 1.93 ? 9  G A C8     1 
ATOM 274 N N7     . G A 1 9  ? 4.511   8.287   4.669   1.00 2.07 ? 9  G A N7     1 
ATOM 275 C C5     . G A 1 9  ? 5.000   7.873   3.426   1.00 2.12 ? 9  G A C5     1 
ATOM 276 C C6     . G A 1 9  ? 5.194   8.618   2.231   1.00 2.37 ? 9  G A C6     1 
ATOM 277 O O6     . G A 1 9  ? 4.967   9.809   2.030   1.00 2.51 ? 9  G A O6     1 
ATOM 278 N N1     . G A 1 9  ? 5.704   7.823   1.213   1.00 2.53 ? 9  G A N1     1 
ATOM 279 C C2     . G A 1 9  ? 5.994   6.477   1.324   1.00 2.45 ? 9  G A C2     1 
ATOM 280 N N2     . G A 1 9  ? 6.483   5.886   0.233   1.00 2.75 ? 9  G A N2     1 
ATOM 281 N N3     . G A 1 9  ? 5.812   5.770   2.443   1.00 2.17 ? 9  G A N3     1 
ATOM 282 C C4     . G A 1 9  ? 5.316   6.524   3.451   1.00 2.01 ? 9  G A C4     1 
ATOM 283 H "H5'"  . G A 1 9  ? 5.014   3.526   9.396   1.00 1.70 ? 9  G A "H5'"  1 
ATOM 284 H "H5''" . G A 1 9  ? 6.696   3.850   8.933   1.00 1.80 ? 9  G A "H5''" 1 
ATOM 285 H "H4'"  . G A 1 9  ? 4.760   2.670   7.326   1.00 1.58 ? 9  G A "H4'"  1 
ATOM 286 H "H3'"  . G A 1 9  ? 7.524   3.343   7.134   1.00 1.86 ? 9  G A "H3'"  1 
ATOM 287 H "H2'"  . G A 1 9  ? 7.212   5.267   5.796   1.00 1.93 ? 9  G A "H2'"  1 
ATOM 288 H "HO2'" . G A 1 9  ? 8.028   3.385   4.444   1.00 2.12 ? 9  G A "HO2'" 1 
ATOM 289 H "H1'"  . G A 1 9  ? 4.754   3.994   4.562   1.00 1.66 ? 9  G A "H1'"  1 
ATOM 290 H H8     . G A 1 9  ? 4.241   7.159   6.392   1.00 1.98 ? 9  G A H8     1 
ATOM 291 H H1     . G A 1 9  ? 5.868   8.285   0.330   1.00 2.77 ? 9  G A H1     1 
ATOM 292 H H21    . G A 1 9  ? 6.620   6.421   -0.613  1.00 3.01 ? 9  G A H21    1 
ATOM 293 H H22    . G A 1 9  ? 6.720   4.904   0.253   1.00 2.76 ? 9  G A H22    1 
ATOM 294 P P      . C A 1 10 ? 7.430   0.787   6.260   1.00 1.79 ? 10 C A P      1 
ATOM 295 O OP1    . C A 1 10 ? 8.560   1.291   7.074   1.00 1.94 ? 10 C A OP1    1 
ATOM 296 O OP2    . C A 1 10 ? 7.697   -0.014  5.045   1.00 1.82 ? 10 C A OP2    1 
ATOM 297 O "O5'"  . C A 1 10 ? 6.456   -0.064  7.219   1.00 1.72 ? 10 C A "O5'"  1 
ATOM 298 C "C5'"  . C A 1 10 ? 5.921   0.513   8.416   1.00 1.68 ? 10 C A "C5'"  1 
ATOM 299 C "C4'"  . C A 1 10 ? 4.408   0.335   8.501   1.00 1.54 ? 10 C A "C4'"  1 
ATOM 300 O "O4'"  . C A 1 10 ? 3.739   1.001   7.424   1.00 1.45 ? 10 C A "O4'"  1 
ATOM 301 C "C3'"  . C A 1 10 ? 4.022   -1.130  8.383   1.00 1.51 ? 10 C A "C3'"  1 
ATOM 302 O "O3'"  . C A 1 10 ? 3.948   -1.683  9.700   1.00 1.61 ? 10 C A "O3'"  1 
ATOM 303 C "C2'"  . C A 1 10 ? 2.623   -1.068  7.798   1.00 1.38 ? 10 C A "C2'"  1 
ATOM 304 O "O2'"  . C A 1 10 ? 1.631   -0.909  8.819   1.00 1.42 ? 10 C A "O2'"  1 
ATOM 305 C "C1'"  . C A 1 10 ? 2.696   0.164   6.896   1.00 1.34 ? 10 C A "C1'"  1 
ATOM 306 N N1     . C A 1 10 ? 2.978   -0.216  5.491   1.00 1.29 ? 10 C A N1     1 
ATOM 307 C C2     . C A 1 10 ? 2.038   -0.998  4.830   1.00 1.20 ? 10 C A C2     1 
ATOM 308 O O2     . C A 1 10 ? 1.010   -1.354  5.404   1.00 1.18 ? 10 C A O2     1 
ATOM 309 N N3     . C A 1 10 ? 2.286   -1.351  3.539   1.00 1.18 ? 10 C A N3     1 
ATOM 310 C C4     . C A 1 10 ? 3.406   -0.956  2.920   1.00 1.24 ? 10 C A C4     1 
ATOM 311 N N4     . C A 1 10 ? 3.616   -1.321  1.656   1.00 1.25 ? 10 C A N4     1 
ATOM 312 C C5     . C A 1 10 ? 4.377   -0.153  3.595   1.00 1.35 ? 10 C A C5     1 
ATOM 313 C C6     . C A 1 10 ? 4.124   0.193   4.871   1.00 1.37 ? 10 C A C6     1 
ATOM 314 H "H5'"  . C A 1 10 ? 6.156   1.576   8.434   1.00 1.71 ? 10 C A "H5'"  1 
ATOM 315 H "H5''" . C A 1 10 ? 6.384   0.034   9.277   1.00 1.79 ? 10 C A "H5''" 1 
ATOM 316 H "H4'"  . C A 1 10 ? 4.044   0.733   9.447   1.00 1.57 ? 10 C A "H4'"  1 
ATOM 317 H "H3'"  . C A 1 10 ? 4.706   -1.681  7.737   1.00 1.56 ? 10 C A "H3'"  1 
ATOM 318 H "H2'"  . C A 1 10 ? 2.427   -1.961  7.200   1.00 1.35 ? 10 C A "H2'"  1 
ATOM 319 H "HO2'" . C A 1 10 ? 0.859   -0.512  8.409   1.00 1.70 ? 10 C A "HO2'" 1 
ATOM 320 H "H1'"  . C A 1 10 ? 1.748   0.698   6.941   1.00 1.33 ? 10 C A "H1'"  1 
ATOM 321 H H41    . C A 1 10 ? 2.935   -1.889  1.174   1.00 1.21 ? 10 C A H41    1 
ATOM 322 H H42    . C A 1 10 ? 4.458   -1.029  1.179   1.00 1.32 ? 10 C A H42    1 
ATOM 323 H H5     . C A 1 10 ? 5.289   0.170   3.095   1.00 1.44 ? 10 C A H5     1 
ATOM 324 H H6     . C A 1 10 ? 4.840   0.808   5.414   1.00 1.48 ? 10 C A H6     1 
ATOM 325 P P      . C A 1 11 ? 4.610   -3.114  10.028  1.00 1.76 ? 11 C A P      1 
ATOM 326 O OP1    . C A 1 11 ? 4.555   -3.321  11.493  1.00 2.10 ? 11 C A OP1    1 
ATOM 327 O OP2    . C A 1 11 ? 5.906   -3.200  9.319   1.00 2.07 ? 11 C A OP2    1 
ATOM 328 O "O5'"  . C A 1 11 ? 3.585   -4.141  9.331   1.00 1.58 ? 11 C A "O5'"  1 
ATOM 329 C "C5'"  . C A 1 11 ? 3.309   -5.410  9.932   1.00 1.65 ? 11 C A "C5'"  1 
ATOM 330 C "C4'"  . C A 1 11 ? 2.246   -6.188  9.157   1.00 1.54 ? 11 C A "C4'"  1 
ATOM 331 O "O4'"  . C A 1 11 ? 1.606   -5.374  8.170   1.00 1.53 ? 11 C A "O4'"  1 
ATOM 332 C "C3'"  . C A 1 11 ? 2.860   -7.341  8.386   1.00 1.44 ? 11 C A "C3'"  1 
ATOM 333 O "O3'"  . C A 1 11 ? 2.875   -8.497  9.231   1.00 1.49 ? 11 C A "O3'"  1 
ATOM 334 C "C2'"  . C A 1 11 ? 1.862   -7.564  7.266   1.00 1.41 ? 11 C A "C2'"  1 
ATOM 335 O "O2'"  . C A 1 11 ? 0.787   -8.419  7.679   1.00 1.49 ? 11 C A "O2'"  1 
ATOM 336 C "C1'"  . C A 1 11 ? 1.367   -6.146  6.979   1.00 1.44 ? 11 C A "C1'"  1 
ATOM 337 N N1     . C A 1 11 ? 2.072   -5.569  5.809   1.00 1.37 ? 11 C A N1     1 
ATOM 338 C C2     . C A 1 11 ? 1.808   -6.125  4.563   1.00 1.33 ? 11 C A C2     1 
ATOM 339 O O2     . C A 1 11 ? 1.006   -7.051  4.455   1.00 1.37 ? 11 C A O2     1 
ATOM 340 N N3     . C A 1 11 ? 2.454   -5.616  3.479   1.00 1.29 ? 11 C A N3     1 
ATOM 341 C C4     . C A 1 11 ? 3.321   -4.605  3.606   1.00 1.30 ? 11 C A C4     1 
ATOM 342 N N4     . C A 1 11 ? 3.936   -4.133  2.520   1.00 1.30 ? 11 C A N4     1 
ATOM 343 C C5     . C A 1 11 ? 3.596   -4.026  4.885   1.00 1.37 ? 11 C A C5     1 
ATOM 344 C C6     . C A 1 11 ? 2.954   -4.535  5.954   1.00 1.40 ? 11 C A C6     1 
ATOM 345 H "H5'"  . C A 1 11 ? 2.957   -5.250  10.951  1.00 2.04 ? 11 C A "H5'"  1 
ATOM 346 H "H5''" . C A 1 11 ? 4.228   -5.996  9.962   1.00 2.10 ? 11 C A "H5''" 1 
ATOM 347 H "H4'"  . C A 1 11 ? 1.496   -6.569  9.850   1.00 1.60 ? 11 C A "H4'"  1 
ATOM 348 H "H3'"  . C A 1 11 ? 3.852   -7.095  8.005   1.00 1.44 ? 11 C A "H3'"  1 
ATOM 349 H "H2'"  . C A 1 11 ? 2.368   -7.971  6.388   1.00 1.37 ? 11 C A "H2'"  1 
ATOM 350 H "HO2'" . C A 1 11 ? 1.174   -9.141  8.180   1.00 1.70 ? 11 C A "HO2'" 1 
ATOM 351 H "H1'"  . C A 1 11 ? 0.296   -6.173  6.775   1.00 1.50 ? 11 C A "H1'"  1 
ATOM 352 H H41    . C A 1 11 ? 3.745   -4.538  1.616   1.00 1.28 ? 11 C A H41    1 
ATOM 353 H H42    . C A 1 11 ? 4.594   -3.371  2.604   1.00 1.34 ? 11 C A H42    1 
ATOM 354 H H5     . C A 1 11 ? 4.301   -3.200  4.991   1.00 1.44 ? 11 C A H5     1 
ATOM 355 H H6     . C A 1 11 ? 3.138   -4.116  6.943   1.00 1.48 ? 11 C A H6     1 
ATOM 356 P P      . A A 1 12 ? 4.187   -9.428  9.322   1.00 1.48 ? 12 A A P      1 
ATOM 357 O OP1    . A A 1 12 ? 4.069   -10.277 10.529  1.00 1.58 ? 12 A A OP1    1 
ATOM 358 O OP2    . A A 1 12 ? 5.380   -8.571  9.138   1.00 1.47 ? 12 A A OP2    1 
ATOM 359 O "O5'"  . A A 1 12 ? 4.038   -10.370 8.025   1.00 1.41 ? 12 A A "O5'"  1 
ATOM 360 C "C5'"  . A A 1 12 ? 3.003   -11.356 7.955   1.00 1.54 ? 12 A A "C5'"  1 
ATOM 361 C "C4'"  . A A 1 12 ? 2.879   -11.943 6.551   1.00 1.46 ? 12 A A "C4'"  1 
ATOM 362 O "O4'"  . A A 1 12 ? 2.419   -10.969 5.619   1.00 1.45 ? 12 A A "O4'"  1 
ATOM 363 C "C3'"  . A A 1 12 ? 4.228   -12.401 6.025   1.00 1.33 ? 12 A A "C3'"  1 
ATOM 364 O "O3'"  . A A 1 12 ? 4.414   -13.773 6.389   1.00 1.37 ? 12 A A "O3'"  1 
ATOM 365 C "C2'"  . A A 1 12 ? 4.058   -12.314 4.515   1.00 1.27 ? 12 A A "C2'"  1 
ATOM 366 O "O2'"  . A A 1 12 ? 3.573   -13.546 3.968   1.00 1.31 ? 12 A A "O2'"  1 
ATOM 367 C "C1'"  . A A 1 12 ? 3.036   -11.189 4.339   1.00 1.32 ? 12 A A "C1'"  1 
ATOM 368 N N9     . A A 1 12 ? 3.687   -9.959  3.847   1.00 1.24 ? 12 A A N9     1 
ATOM 369 C C8     . A A 1 12 ? 4.157   -8.888  4.534   1.00 1.24 ? 12 A A C8     1 
ATOM 370 N N7     . A A 1 12 ? 4.694   -7.932  3.853   1.00 1.18 ? 12 A A N7     1 
ATOM 371 C C5     . A A 1 12 ? 4.573   -8.415  2.547   1.00 1.13 ? 12 A A C5     1 
ATOM 372 C C6     . A A 1 12 ? 4.946   -7.892  1.305   1.00 1.10 ? 12 A A C6     1 
ATOM 373 N N6     . A A 1 12 ? 5.547   -6.711  1.162   1.00 1.10 ? 12 A A N6     1 
ATOM 374 N N1     . A A 1 12 ? 4.679   -8.633  0.215   1.00 1.10 ? 12 A A N1     1 
ATOM 375 C C2     . A A 1 12 ? 4.079   -9.819  0.335   1.00 1.12 ? 12 A A C2     1 
ATOM 376 N N3     . A A 1 12 ? 3.684   -10.408 1.458   1.00 1.15 ? 12 A A N3     1 
ATOM 377 C C4     . A A 1 12 ? 3.962   -9.647  2.535   1.00 1.16 ? 12 A A C4     1 
ATOM 378 H "H5'"  . A A 1 12 ? 2.055   -10.896 8.233   1.00 1.70 ? 12 A A "H5'"  1 
ATOM 379 H "H5''" . A A 1 12 ? 3.228   -12.159 8.658   1.00 1.60 ? 12 A A "H5''" 1 
ATOM 380 H "H4'"  . A A 1 12 ? 2.187   -12.784 6.567   1.00 1.53 ? 12 A A "H4'"  1 
ATOM 381 H "H3'"  . A A 1 12 ? 5.040   -11.766 6.380   1.00 1.29 ? 12 A A "H3'"  1 
ATOM 382 H "H2'"  . A A 1 12 ? 5.007   -12.031 4.050   1.00 1.19 ? 12 A A "H2'"  1 
ATOM 383 H "HO2'" . A A 1 12 ? 4.186   -14.236 4.232   1.00 1.63 ? 12 A A "HO2'" 1 
ATOM 384 H "H1'"  . A A 1 12 ? 2.275   -11.502 3.624   1.00 1.36 ? 12 A A "H1'"  1 
ATOM 385 H H8     . A A 1 12 ? 4.087   -8.839  5.620   1.00 1.32 ? 12 A A H8     1 
ATOM 386 H H61    . A A 1 12 ? 5.797   -6.378  0.241   1.00 1.11 ? 12 A A H61    1 
ATOM 387 H H62    . A A 1 12 ? 5.753   -6.147  1.974   1.00 1.11 ? 12 A A H62    1 
ATOM 388 H H2     . A A 1 12 ? 3.897   -10.366 -0.590  1.00 1.14 ? 12 A A H2     1 
ATOM 389 P P      . G A 1 13 ? 5.880   -14.441 6.361   1.00 1.29 ? 13 G A P      1 
ATOM 390 O OP1    . G A 1 13 ? 5.864   -15.623 7.250   1.00 1.55 ? 13 G A OP1    1 
ATOM 391 O OP2    . G A 1 13 ? 6.882   -13.372 6.571   1.00 1.32 ? 13 G A OP2    1 
ATOM 392 O "O5'"  . G A 1 13 ? 5.999   -14.959 4.839   1.00 1.17 ? 13 G A "O5'"  1 
ATOM 393 C "C5'"  . G A 1 13 ? 6.943   -14.376 3.936   1.00 0.99 ? 13 G A "C5'"  1 
ATOM 394 C "C4'"  . G A 1 13 ? 6.653   -14.774 2.492   1.00 0.94 ? 13 G A "C4'"  1 
ATOM 395 O "O4'"  . G A 1 13 ? 5.763   -13.845 1.863   1.00 0.97 ? 13 G A "O4'"  1 
ATOM 396 C "C3'"  . G A 1 13 ? 7.919   -14.764 1.652   1.00 0.81 ? 13 G A "C3'"  1 
ATOM 397 O "O3'"  . G A 1 13 ? 8.489   -16.078 1.672   1.00 0.93 ? 13 G A "O3'"  1 
ATOM 398 C "C2'"  . G A 1 13 ? 7.397   -14.478 0.256   1.00 0.80 ? 13 G A "C2'"  1 
ATOM 399 O "O2'"  . G A 1 13 ? 6.963   -15.674 -0.402  1.00 0.98 ? 13 G A "O2'"  1 
ATOM 400 C "C1'"  . G A 1 13 ? 6.227   -13.540 0.536   1.00 0.86 ? 13 G A "C1'"  1 
ATOM 401 N N9     . G A 1 13 ? 6.646   -12.127 0.433   1.00 0.76 ? 13 G A N9     1 
ATOM 402 C C8     . G A 1 13 ? 6.807   -11.199 1.408   1.00 0.80 ? 13 G A C8     1 
ATOM 403 N N7     . G A 1 13 ? 7.191   -10.020 1.055   1.00 0.80 ? 13 G A N7     1 
ATOM 404 C C5     . G A 1 13 ? 7.304   -10.160 -0.331  1.00 0.73 ? 13 G A C5     1 
ATOM 405 C C6     . G A 1 13 ? 7.691   -9.208  -1.312  1.00 0.75 ? 13 G A C6     1 
ATOM 406 O O6     . G A 1 13 ? 8.018   -8.036  -1.148  1.00 0.87 ? 13 G A O6     1 
ATOM 407 N N1     . G A 1 13 ? 7.672   -9.757  -2.587  1.00 0.71 ? 13 G A N1     1 
ATOM 408 C C2     . G A 1 13 ? 7.327   -11.058 -2.889  1.00 0.68 ? 13 G A C2     1 
ATOM 409 N N2     . G A 1 13 ? 7.377   -11.398 -4.177  1.00 0.72 ? 13 G A N2     1 
ATOM 410 N N3     . G A 1 13 ? 6.962   -11.960 -1.972  1.00 0.69 ? 13 G A N3     1 
ATOM 411 C C4     . G A 1 13 ? 6.971   -11.448 -0.720  1.00 0.69 ? 13 G A C4     1 
ATOM 412 H "H5'"  . G A 1 13 ? 7.946   -14.710 4.205   1.00 1.00 ? 13 G A "H5'"  1 
ATOM 413 H "H5''" . G A 1 13 ? 6.895   -13.290 4.022   1.00 1.02 ? 13 G A "H5''" 1 
ATOM 414 H "H4'"  . G A 1 13 ? 6.207   -15.767 2.469   1.00 1.07 ? 13 G A "H4'"  1 
ATOM 415 H "H3'"  . G A 1 13 ? 8.625   -14.001 1.984   1.00 0.74 ? 13 G A "H3'"  1 
ATOM 416 H "H2'"  . G A 1 13 ? 8.160   -13.962 -0.333  1.00 0.71 ? 13 G A "H2'"  1 
ATOM 417 H "HO2'" . G A 1 13 ? 6.681   -15.428 -1.286  1.00 1.36 ? 13 G A "HO2'" 1 
ATOM 418 H "H1'"  . G A 1 13 ? 5.428   -13.734 -0.180  1.00 0.98 ? 13 G A "H1'"  1 
ATOM 419 H H8     . G A 1 13 ? 6.614   -11.440 2.453   1.00 0.88 ? 13 G A H8     1 
ATOM 420 H H1     . G A 1 13 ? 7.937   -9.136  -3.339  1.00 0.76 ? 13 G A H1     1 
ATOM 421 H H21    . G A 1 13 ? 7.653   -10.716 -4.869  1.00 0.75 ? 13 G A H21    1 
ATOM 422 H H22    . G A 1 13 ? 7.139   -12.338 -4.461  1.00 0.77 ? 13 G A H22    1 
ATOM 423 P P      . C A 1 14 ? 10.083  -16.281 1.767   1.00 0.97 ? 14 C A P      1 
ATOM 424 O OP1    . C A 1 14 ? 10.357  -17.724 1.944   1.00 1.16 ? 14 C A OP1    1 
ATOM 425 O OP2    . C A 1 14 ? 10.619  -15.304 2.742   1.00 0.97 ? 14 C A OP2    1 
ATOM 426 O "O5'"  . C A 1 14 ? 10.580  -15.849 0.298   1.00 0.99 ? 14 C A "O5'"  1 
ATOM 427 C "C5'"  . C A 1 14 ? 10.160  -16.580 -0.859  1.00 1.07 ? 14 C A "C5'"  1 
ATOM 428 C "C4'"  . C A 1 14 ? 10.491  -15.831 -2.147  1.00 0.96 ? 14 C A "C4'"  1 
ATOM 429 O "O4'"  . C A 1 14 ? 9.685   -14.661 -2.289  1.00 0.81 ? 14 C A "O4'"  1 
ATOM 430 C "C3'"  . C A 1 14 ? 11.930  -15.342 -2.145  1.00 0.97 ? 14 C A "C3'"  1 
ATOM 431 O "O3'"  . C A 1 14 ? 12.749  -16.340 -2.764  1.00 1.21 ? 14 C A "O3'"  1 
ATOM 432 C "C2'"  . C A 1 14 ? 11.883  -14.121 -3.048  1.00 0.90 ? 14 C A "C2'"  1 
ATOM 433 O "O2'"  . C A 1 14 ? 12.093  -14.473 -4.420  1.00 1.09 ? 14 C A "O2'"  1 
ATOM 434 C "C1'"  . C A 1 14 ? 10.470  -13.581 -2.822  1.00 0.74 ? 14 C A "C1'"  1 
ATOM 435 N N1     . C A 1 14 ? 10.485  -12.427 -1.895  1.00 0.60 ? 14 C A N1     1 
ATOM 436 C C2     . C A 1 14 ? 10.583  -11.157 -2.450  1.00 0.66 ? 14 C A C2     1 
ATOM 437 O O2     . C A 1 14 ? 10.648  -11.018 -3.671  1.00 0.81 ? 14 C A O2     1 
ATOM 438 N N3     . C A 1 14 ? 10.603  -10.086 -1.612  1.00 0.65 ? 14 C A N3     1 
ATOM 439 C C4     . C A 1 14 ? 10.527  -10.250 -0.284  1.00 0.57 ? 14 C A C4     1 
ATOM 440 N N4     . C A 1 14 ? 10.545  -9.178  0.507   1.00 0.68 ? 14 C A N4     1 
ATOM 441 C C5     . C A 1 14 ? 10.426  -11.555 0.293   1.00 0.52 ? 14 C A C5     1 
ATOM 442 C C6     . C A 1 14 ? 10.409  -12.609 -0.543  1.00 0.54 ? 14 C A C6     1 
ATOM 443 H "H5'"  . C A 1 14 ? 9.083   -16.740 -0.808  1.00 1.26 ? 14 C A "H5'"  1 
ATOM 444 H "H5''" . C A 1 14 ? 10.662  -17.548 -0.871  1.00 1.25 ? 14 C A "H5''" 1 
ATOM 445 H "H4'"  . C A 1 14 ? 10.328  -16.484 -3.003  1.00 1.09 ? 14 C A "H4'"  1 
ATOM 446 H "H3'"  . C A 1 14 ? 12.272  -15.090 -1.140  1.00 0.95 ? 14 C A "H3'"  1 
ATOM 447 H "H2'"  . C A 1 14 ? 12.621  -13.385 -2.719  1.00 0.92 ? 14 C A "H2'"  1 
ATOM 448 H "HO2'" . C A 1 14 ? 12.831  -15.085 -4.448  1.00 1.27 ? 14 C A "HO2'" 1 
ATOM 449 H "H1'"  . C A 1 14 ? 10.047  -13.268 -3.777  1.00 0.81 ? 14 C A "H1'"  1 
ATOM 450 H H41    . C A 1 14 ? 10.617  -8.254  0.105   1.00 0.80 ? 14 C A H41    1 
ATOM 451 H H42    . C A 1 14 ? 10.487  -9.289  1.510   1.00 0.69 ? 14 C A H42    1 
ATOM 452 H H5     . C A 1 14 ? 10.364  -11.690 1.373   1.00 0.57 ? 14 C A H5     1 
ATOM 453 H H6     . C A 1 14 ? 10.333  -13.618 -0.138  1.00 0.63 ? 14 C A H6     1 
ATOM 454 P P      . G A 1 15 ? 14.171  -16.748 -2.128  1.00 1.39 ? 15 G A P      1 
ATOM 455 O OP1    . G A 1 15 ? 14.732  -17.860 -2.927  1.00 1.65 ? 15 G A OP1    1 
ATOM 456 O OP2    . G A 1 15 ? 13.997  -16.905 -0.666  1.00 1.37 ? 15 G A OP2    1 
ATOM 457 O "O5'"  . G A 1 15 ? 15.065  -15.434 -2.397  1.00 1.35 ? 15 G A "O5'"  1 
ATOM 458 C "C5'"  . G A 1 15 ? 15.523  -14.625 -1.309  1.00 1.46 ? 15 G A "C5'"  1 
ATOM 459 C "C4'"  . G A 1 15 ? 16.430  -13.496 -1.792  1.00 1.49 ? 15 G A "C4'"  1 
ATOM 460 O "O4'"  . G A 1 15 ? 15.668  -12.405 -2.324  1.00 1.35 ? 15 G A "O4'"  1 
ATOM 461 C "C3'"  . G A 1 15 ? 17.241  -12.913 -0.643  1.00 1.56 ? 15 G A "C3'"  1 
ATOM 462 O "O3'"  . G A 1 15 ? 18.501  -13.588 -0.586  1.00 1.82 ? 15 G A "O3'"  1 
ATOM 463 C "C2'"  . G A 1 15 ? 17.470  -11.482 -1.088  1.00 1.56 ? 15 G A "C2'"  1 
ATOM 464 O "O2'"  . G A 1 15 ? 18.593  -11.378 -1.971  1.00 1.80 ? 15 G A "O2'"  1 
ATOM 465 C "C1'"  . G A 1 15 ? 16.162  -11.160 -1.804  1.00 1.38 ? 15 G A "C1'"  1 
ATOM 466 N N9     . G A 1 15 ? 15.184  -10.553 -0.878  1.00 1.24 ? 15 G A N9     1 
ATOM 467 C C8     . G A 1 15 ? 14.076  -11.096 -0.315  1.00 1.11 ? 15 G A C8     1 
ATOM 468 N N7     . G A 1 15 ? 13.381  -10.352 0.477   1.00 1.10 ? 15 G A N7     1 
ATOM 469 C C5     . G A 1 15 ? 14.101  -9.155  0.450   1.00 1.20 ? 15 G A C5     1 
ATOM 470 C C6     . G A 1 15 ? 13.849  -7.929  1.121   1.00 1.31 ? 15 G A C6     1 
ATOM 471 O O6     . G A 1 15 ? 12.926  -7.652  1.883   1.00 1.34 ? 15 G A O6     1 
ATOM 472 N N1     . G A 1 15 ? 14.815  -6.977  0.823   1.00 1.47 ? 15 G A N1     1 
ATOM 473 C C2     . G A 1 15 ? 15.892  -7.174  -0.018  1.00 1.56 ? 15 G A C2     1 
ATOM 474 N N2     . G A 1 15 ? 16.713  -6.138  -0.174  1.00 1.78 ? 15 G A N2     1 
ATOM 475 N N3     . G A 1 15 ? 16.136  -8.325  -0.654  1.00 1.49 ? 15 G A N3     1 
ATOM 476 C C4     . G A 1 15 ? 15.208  -9.268  -0.378  1.00 1.30 ? 15 G A C4     1 
ATOM 477 H "H5'"  . G A 1 15 ? 16.075  -15.251 -0.608  1.00 1.80 ? 15 G A "H5'"  1 
ATOM 478 H "H5''" . G A 1 15 ? 14.660  -14.195 -0.800  1.00 1.62 ? 15 G A "H5''" 1 
ATOM 479 H "H4'"  . G A 1 15 ? 17.104  -13.867 -2.563  1.00 1.66 ? 15 G A "H4'"  1 
ATOM 480 H "H3'"  . G A 1 15 ? 16.699  -12.957 0.302   1.00 1.48 ? 15 G A "H3'"  1 
ATOM 481 H "H2'"  . G A 1 15 ? 17.593  -10.832 -0.217  1.00 1.57 ? 15 G A "H2'"  1 
ATOM 482 H "HO2'" . G A 1 15 ? 19.374  -11.623 -1.469  1.00 1.91 ? 15 G A "HO2'" 1 
ATOM 483 H "H1'"  . G A 1 15 ? 16.357  -10.474 -2.628  1.00 1.47 ? 15 G A "H1'"  1 
ATOM 484 H H8     . G A 1 15 ? 13.784  -12.125 -0.523  1.00 1.09 ? 15 G A H8     1 
ATOM 485 H H1     . G A 1 15 ? 14.700  -6.077  1.265   1.00 1.58 ? 15 G A H1     1 
ATOM 486 H H21    . G A 1 15 ? 16.528  -5.270  0.307   1.00 1.86 ? 15 G A H21    1 
ATOM 487 H H22    . G A 1 15 ? 17.521  -6.220  -0.775  1.00 1.89 ? 15 G A H22    1 
ATOM 488 P P      . A A 1 16 ? 19.245  -13.827 0.821   1.00 2.02 ? 16 A A P      1 
ATOM 489 O OP1    . A A 1 16 ? 20.241  -14.907 0.641   1.00 2.52 ? 16 A A OP1    1 
ATOM 490 O OP2    . A A 1 16 ? 18.215  -13.941 1.879   1.00 2.01 ? 16 A A OP2    1 
ATOM 491 O "O5'"  . A A 1 16 ? 20.040  -12.443 1.038   1.00 2.19 ? 16 A A "O5'"  1 
ATOM 492 C "C5'"  . A A 1 16 ? 20.662  -12.148 2.291   1.00 2.32 ? 16 A A "C5'"  1 
ATOM 493 C "C4'"  . A A 1 16 ? 21.523  -10.890 2.212   1.00 2.44 ? 16 A A "C4'"  1 
ATOM 494 O "O4'"  . A A 1 16 ? 22.690  -11.111 1.412   1.00 2.60 ? 16 A A "O4'"  1 
ATOM 495 C "C3'"  . A A 1 16 ? 20.767  -9.748  1.549   1.00 2.34 ? 16 A A "C3'"  1 
ATOM 496 O "O3'"  . A A 1 16 ? 20.174  -8.941  2.572   1.00 2.45 ? 16 A A "O3'"  1 
ATOM 497 C "C2'"  . A A 1 16 ? 21.869  -8.950  0.875   1.00 2.53 ? 16 A A "C2'"  1 
ATOM 498 O "O2'"  . A A 1 16 ? 22.468  -8.010  1.776   1.00 2.84 ? 16 A A "O2'"  1 
ATOM 499 C "C1'"  . A A 1 16 ? 22.855  -10.038 0.472   1.00 2.61 ? 16 A A "C1'"  1 
ATOM 500 N N9     . A A 1 16 ? 22.601  -10.497 -0.909  1.00 2.50 ? 16 A A N9     1 
ATOM 501 C C8     . A A 1 16 ? 21.799  -11.494 -1.358  1.00 2.35 ? 16 A A C8     1 
ATOM 502 N N7     . A A 1 16 ? 21.761  -11.701 -2.632  1.00 2.36 ? 16 A A N7     1 
ATOM 503 C C5     . A A 1 16 ? 22.646  -10.725 -3.102  1.00 2.51 ? 16 A A C5     1 
ATOM 504 C C6     . A A 1 16 ? 23.081  -10.381 -4.386  1.00 2.64 ? 16 A A C6     1 
ATOM 505 N N6     . A A 1 16 ? 22.669  -11.007 -5.487  1.00 2.65 ? 16 A A N6     1 
ATOM 506 N N1     . A A 1 16 ? 23.958  -9.366  -4.491  1.00 2.82 ? 16 A A N1     1 
ATOM 507 C C2     . A A 1 16 ? 24.384  -8.727  -3.401  1.00 2.89 ? 16 A A C2     1 
ATOM 508 N N3     . A A 1 16 ? 24.039  -8.969  -2.140  1.00 2.81 ? 16 A A N3     1 
ATOM 509 C C4     . A A 1 16 ? 23.160  -9.988  -2.060  1.00 2.60 ? 16 A A C4     1 
ATOM 510 H "H5'"  . A A 1 16 ? 21.290  -12.990 2.584   1.00 2.44 ? 16 A A "H5'"  1 
ATOM 511 H "H5''" . A A 1 16 ? 19.889  -12.003 3.047   1.00 2.74 ? 16 A A "H5''" 1 
ATOM 512 H "H4'"  . A A 1 16 ? 21.826  -10.593 3.215   1.00 2.61 ? 16 A A "H4'"  1 
ATOM 513 H "H3'"  . A A 1 16 ? 20.031  -10.110 0.830   1.00 2.20 ? 16 A A "H3'"  1 
ATOM 514 H "H2'"  . A A 1 16 ? 21.480  -8.447  -0.013  1.00 2.47 ? 16 A A "H2'"  1 
ATOM 515 H "HO2'" . A A 1 16 ? 23.127  -8.485  2.288   1.00 2.87 ? 16 A A "HO2'" 1 
ATOM 516 H "H1'"  . A A 1 16 ? 23.871  -9.649  0.542   1.00 2.85 ? 16 A A "H1'"  1 
ATOM 517 H H8     . A A 1 16 ? 21.209  -12.097 -0.669  1.00 2.28 ? 16 A A H8     1 
ATOM 518 H H61    . A A 1 16 ? 23.015  -10.719 -6.391  1.00 2.78 ? 16 A A H61    1 
ATOM 519 H H62    . A A 1 16 ? 22.012  -11.772 -5.418  1.00 2.57 ? 16 A A H62    1 
ATOM 520 H H2     . A A 1 16 ? 25.093  -7.915  -3.561  1.00 3.09 ? 16 A A H2     1 
ATOM 521 P P      . A A 1 17 ? 18.802  -8.144  2.294   1.00 2.45 ? 17 A A P      1 
ATOM 522 O OP1    . A A 1 17 ? 18.334  -7.567  3.574   1.00 2.82 ? 17 A A OP1    1 
ATOM 523 O OP2    . A A 1 17 ? 17.905  -9.022  1.510   1.00 2.29 ? 17 A A OP2    1 
ATOM 524 O "O5'"  . A A 1 17 ? 19.283  -6.937  1.342   1.00 2.49 ? 17 A A "O5'"  1 
ATOM 525 C "C5'"  . A A 1 17 ? 20.327  -6.051  1.758   1.00 2.31 ? 17 A A "C5'"  1 
ATOM 526 C "C4'"  . A A 1 17 ? 20.944  -5.311  0.572   1.00 2.46 ? 17 A A "C4'"  1 
ATOM 527 O "O4'"  . A A 1 17 ? 21.614  -6.216  -0.316  1.00 2.50 ? 17 A A "O4'"  1 
ATOM 528 C "C3'"  . A A 1 17 ? 19.870  -4.623  -0.259  1.00 2.36 ? 17 A A "C3'"  1 
ATOM 529 O "O3'"  . A A 1 17 ? 19.776  -3.257  0.158   1.00 2.53 ? 17 A A "O3'"  1 
ATOM 530 C "C2'"  . A A 1 17 ? 20.438  -4.666  -1.664  1.00 2.45 ? 17 A A "C2'"  1 
ATOM 531 O "O2'"  . A A 1 17 ? 21.315  -3.561  -1.916  1.00 2.73 ? 17 A A "O2'"  1 
ATOM 532 C "C1'"  . A A 1 17 ? 21.191  -5.984  -1.670  1.00 2.46 ? 17 A A "C1'"  1 
ATOM 533 N N9     . A A 1 17 ? 20.334  -7.082  -2.155  1.00 2.22 ? 17 A A N9     1 
ATOM 534 C C8     . A A 1 17 ? 19.314  -7.729  -1.538  1.00 2.00 ? 17 A A C8     1 
ATOM 535 N N7     . A A 1 17 ? 18.741  -8.688  -2.182  1.00 1.85 ? 17 A A N7     1 
ATOM 536 C C5     . A A 1 17 ? 19.460  -8.689  -3.382  1.00 2.01 ? 17 A A C5     1 
ATOM 537 C C6     . A A 1 17 ? 19.373  -9.469  -4.541  1.00 2.01 ? 17 A A C6     1 
ATOM 538 N N6     . A A 1 17 ? 18.487  -10.454 -4.692  1.00 1.86 ? 17 A A N6     1 
ATOM 539 N N1     . A A 1 17 ? 20.235  -9.195  -5.536  1.00 2.23 ? 17 A A N1     1 
ATOM 540 C C2     . A A 1 17 ? 21.130  -8.215  -5.404  1.00 2.41 ? 17 A A C2     1 
ATOM 541 N N3     . A A 1 17 ? 21.300  -7.421  -4.355  1.00 2.44 ? 17 A A N3     1 
ATOM 542 C C4     . A A 1 17 ? 20.427  -7.712  -3.372  1.00 2.23 ? 17 A A C4     1 
ATOM 543 H "H5'"  . A A 1 17 ? 21.106  -6.626  2.260   1.00 2.23 ? 17 A A "H5'"  1 
ATOM 544 H "H5''" . A A 1 17 ? 19.917  -5.321  2.457   1.00 2.57 ? 17 A A "H5''" 1 
ATOM 545 H "H4'"  . A A 1 17 ? 21.655  -4.571  0.934   1.00 2.66 ? 17 A A "H4'"  1 
ATOM 546 H "H3'"  . A A 1 17 ? 18.913  -5.140  -0.194  1.00 2.15 ? 17 A A "H3'"  1 
ATOM 547 H "H2'"  . A A 1 17 ? 19.629  -4.697  -2.394  1.00 2.33 ? 17 A A "H2'"  1 
ATOM 548 H "HO2'" . A A 1 17 ? 20.979  -3.100  -2.688  1.00 3.02 ? 17 A A "HO2'" 1 
ATOM 549 H "H1'"  . A A 1 17 ? 22.065  -5.898  -2.317  1.00 2.64 ? 17 A A "H1'"  1 
ATOM 550 H H8     . A A 1 17 ? 18.980  -7.437  -0.543  1.00 1.96 ? 17 A A H8     1 
ATOM 551 H H61    . A A 1 17 ? 18.467  -10.987 -5.549  1.00 1.91 ? 17 A A H61    1 
ATOM 552 H H62    . A A 1 17 ? 17.838  -10.668 -3.949  1.00 1.71 ? 17 A A H62    1 
ATOM 553 H H2     . A A 1 17 ? 21.789  -8.041  -6.252  1.00 2.59 ? 17 A A H2     1 
ATOM 554 P P      . A A 1 18 ? 18.455  -2.721  0.909   1.00 2.49 ? 18 A A P      1 
ATOM 555 O OP1    . A A 1 18 ? 18.764  -1.400  1.500   1.00 2.74 ? 18 A A OP1    1 
ATOM 556 O OP2    . A A 1 18 ? 17.935  -3.809  1.767   1.00 2.62 ? 18 A A OP2    1 
ATOM 557 O "O5'"  . A A 1 18 ? 17.421  -2.502  -0.310  1.00 2.59 ? 18 A A "O5'"  1 
ATOM 558 C "C5'"  . A A 1 18 ? 17.392  -1.267  -1.036  1.00 2.52 ? 18 A A "C5'"  1 
ATOM 559 C "C4'"  . A A 1 18 ? 18.085  -1.390  -2.394  1.00 2.56 ? 18 A A "C4'"  1 
ATOM 560 O "O4'"  . A A 1 18 ? 18.743  -2.651  -2.533  1.00 2.44 ? 18 A A "O4'"  1 
ATOM 561 C "C3'"  . A A 1 18 ? 17.084  -1.319  -3.535  1.00 2.48 ? 18 A A "C3'"  1 
ATOM 562 O "O3'"  . A A 1 18 ? 16.978  0.044   -3.960  1.00 2.72 ? 18 A A "O3'"  1 
ATOM 563 C "C2'"  . A A 1 18 ? 17.759  -2.124  -4.635  1.00 2.45 ? 18 A A "C2'"  1 
ATOM 564 O "O2'"  . A A 1 18 ? 18.644  -1.311  -5.416  1.00 2.71 ? 18 A A "O2'"  1 
ATOM 565 C "C1'"  . A A 1 18 ? 18.524  -3.185  -3.848  1.00 2.36 ? 18 A A "C1'"  1 
ATOM 566 N N9     . A A 1 18 ? 17.766  -4.450  -3.784  1.00 2.09 ? 18 A A N9     1 
ATOM 567 C C8     . A A 1 18 ? 16.845  -4.869  -2.881  1.00 1.91 ? 18 A A C8     1 
ATOM 568 N N7     . A A 1 18 ? 16.317  -6.033  -3.064  1.00 1.72 ? 18 A A N7     1 
ATOM 569 C C5     . A A 1 18 ? 16.962  -6.453  -4.231  1.00 1.79 ? 18 A A C5     1 
ATOM 570 C C6     . A A 1 18 ? 16.873  -7.621  -4.995  1.00 1.75 ? 18 A A C6     1 
ATOM 571 N N6     . A A 1 18 ? 16.061  -8.634  -4.690  1.00 1.60 ? 18 A A N6     1 
ATOM 572 N N1     . A A 1 18 ? 17.656  -7.706  -6.085  1.00 1.93 ? 18 A A N1     1 
ATOM 573 C C2     . A A 1 18 ? 18.476  -6.705  -6.407  1.00 2.12 ? 18 A A C2     1 
ATOM 574 N N3     . A A 1 18 ? 18.636  -5.559  -5.759  1.00 2.18 ? 18 A A N3     1 
ATOM 575 C C4     . A A 1 18 ? 17.844  -5.496  -4.672  1.00 2.02 ? 18 A A C4     1 
ATOM 576 H "H5'"  . A A 1 18 ? 17.893  -0.497  -0.451  1.00 2.67 ? 18 A A "H5'"  1 
ATOM 577 H "H5''" . A A 1 18 ? 16.353  -0.974  -1.191  1.00 2.45 ? 18 A A "H5''" 1 
ATOM 578 H "H4'"  . A A 1 18 ? 18.819  -0.593  -2.504  1.00 2.76 ? 18 A A "H4'"  1 
ATOM 579 H "H3'"  . A A 1 18 ? 16.118  -1.747  -3.259  1.00 2.33 ? 18 A A "H3'"  1 
ATOM 580 H "H2'"  . A A 1 18 ? 17.004  -2.597  -5.268  1.00 2.31 ? 18 A A "H2'"  1 
ATOM 581 H "HO2'" . A A 1 18 ? 18.186  -0.489  -5.603  1.00 2.73 ? 18 A A "HO2'" 1 
ATOM 582 H "H1'"  . A A 1 18 ? 19.487  -3.368  -4.331  1.00 2.49 ? 18 A A "H1'"  1 
ATOM 583 H H8     . A A 1 18 ? 16.573  -4.255  -2.025  1.00 1.95 ? 18 A A H8     1 
ATOM 584 H H61    . A A 1 18 ? 16.037  -9.455  -5.277  1.00 1.64 ? 18 A A H61    1 
ATOM 585 H H62    . A A 1 18 ? 15.470  -8.578  -3.873  1.00 1.51 ? 18 A A H62    1 
ATOM 586 H H2     . A A 1 18 ? 19.093  -6.848  -7.293  1.00 2.28 ? 18 A A H2     1 
ATOM 587 P P      . G A 1 19 ? 15.590  0.621   -4.536  1.00 2.79 ? 19 G A P      1 
ATOM 588 O OP1    . G A 1 19 ? 15.808  2.027   -4.942  1.00 3.25 ? 19 G A OP1    1 
ATOM 589 O OP2    . G A 1 19 ? 14.516  0.289   -3.571  1.00 3.15 ? 19 G A OP2    1 
ATOM 590 O "O5'"  . G A 1 19 ? 15.371  -0.260  -5.867  1.00 2.46 ? 19 G A "O5'"  1 
ATOM 591 C "C5'"  . G A 1 19 ? 14.167  -1.009  -6.059  1.00 2.24 ? 19 G A "C5'"  1 
ATOM 592 C "C4'"  . G A 1 19 ? 14.446  -2.364  -6.702  1.00 2.11 ? 19 G A "C4'"  1 
ATOM 593 O "O4'"  . G A 1 19 ? 15.127  -3.241  -5.798  1.00 2.01 ? 19 G A "O4'"  1 
ATOM 594 C "C3'"  . G A 1 19 ? 13.153  -3.073  -7.069  1.00 1.98 ? 19 G A "C3'"  1 
ATOM 595 O "O3'"  . G A 1 19 ? 12.827  -2.744  -8.423  1.00 2.09 ? 19 G A "O3'"  1 
ATOM 596 C "C2'"  . G A 1 19 ? 13.537  -4.539  -7.000  1.00 1.82 ? 19 G A "C2'"  1 
ATOM 597 O "O2'"  . G A 1 19 ? 14.117  -4.991  -8.230  1.00 1.89 ? 19 G A "O2'"  1 
ATOM 598 C "C1'"  . G A 1 19 ? 14.557  -4.558  -5.866  1.00 1.81 ? 19 G A "C1'"  1 
ATOM 599 N N9     . G A 1 19 ? 13.926  -4.925  -4.582  1.00 1.65 ? 19 G A N9     1 
ATOM 600 C C8     . G A 1 19 ? 13.712  -4.169  -3.477  1.00 1.66 ? 19 G A C8     1 
ATOM 601 N N7     . G A 1 19 ? 13.159  -4.738  -2.460  1.00 1.52 ? 19 G A N7     1 
ATOM 602 C C5     . G A 1 19 ? 12.971  -6.041  -2.929  1.00 1.38 ? 19 G A C5     1 
ATOM 603 C C6     . G A 1 19 ? 12.400  -7.167  -2.278  1.00 1.20 ? 19 G A C6     1 
ATOM 604 O O6     . G A 1 19 ? 11.939  -7.237  -1.142  1.00 1.13 ? 19 G A O6     1 
ATOM 605 N N1     . G A 1 19 ? 12.402  -8.285  -3.101  1.00 1.14 ? 19 G A N1     1 
ATOM 606 C C2     . G A 1 19 ? 12.889  -8.322  -4.392  1.00 1.25 ? 19 G A C2     1 
ATOM 607 N N2     . G A 1 19 ? 12.800  -9.493  -5.023  1.00 1.20 ? 19 G A N2     1 
ATOM 608 N N3     . G A 1 19 ? 13.427  -7.267  -5.012  1.00 1.41 ? 19 G A N3     1 
ATOM 609 C C4     . G A 1 19 ? 13.437  -6.164  -4.229  1.00 1.47 ? 19 G A C4     1 
ATOM 610 H "H5'"  . G A 1 19 ? 13.495  -0.441  -6.703  1.00 2.41 ? 19 G A "H5'"  1 
ATOM 611 H "H5''" . G A 1 19 ? 13.686  -1.166  -5.093  1.00 2.22 ? 19 G A "H5''" 1 
ATOM 612 H "H4'"  . G A 1 19 ? 15.055  -2.230  -7.595  1.00 2.22 ? 19 G A "H4'"  1 
ATOM 613 H "H3'"  . G A 1 19 ? 12.347  -2.834  -6.375  1.00 1.94 ? 19 G A "H3'"  1 
ATOM 614 H "H2'"  . G A 1 19 ? 12.669  -5.145  -6.733  1.00 1.69 ? 19 G A "H2'"  1 
ATOM 615 H "HO2'" . G A 1 19 ? 14.893  -4.451  -8.395  1.00 2.12 ? 19 G A "HO2'" 1 
ATOM 616 H "H1'"  . G A 1 19 ? 15.337  -5.278  -6.101  1.00 1.81 ? 19 G A "H1'"  1 
ATOM 617 H H8     . G A 1 19 ? 13.998  -3.117  -3.449  1.00 1.80 ? 19 G A H8     1 
ATOM 618 H H1     . G A 1 19 ? 12.009  -9.127  -2.703  1.00 1.03 ? 19 G A H1     1 
ATOM 619 H H21    . G A 1 19 ? 12.392  -10.289 -4.555  1.00 1.09 ? 19 G A H21    1 
ATOM 620 H H22    . G A 1 19 ? 13.138  -9.583  -5.970  1.00 1.29 ? 19 G A H22    1 
ATOM 621 P P      . U A 1 20 ? 11.300  -2.482  -8.859  1.00 2.13 ? 20 U A P      1 
ATOM 622 O OP1    . U A 1 20 ? 11.271  -2.226  -10.316 1.00 2.28 ? 20 U A OP1    1 
ATOM 623 O OP2    . U A 1 20 ? 10.714  -1.494  -7.924  1.00 2.19 ? 20 U A OP2    1 
ATOM 624 O "O5'"  . U A 1 20 ? 10.607  -3.907  -8.583  1.00 1.94 ? 20 U A "O5'"  1 
ATOM 625 C "C5'"  . U A 1 20 ? 11.076  -5.089  -9.241  1.00 1.86 ? 20 U A "C5'"  1 
ATOM 626 C "C4'"  . U A 1 20 ? 10.537  -6.350  -8.573  1.00 1.66 ? 20 U A "C4'"  1 
ATOM 627 O "O4'"  . U A 1 20 ? 11.155  -6.575  -7.307  1.00 1.53 ? 20 U A "O4'"  1 
ATOM 628 C "C3'"  . U A 1 20 ? 9.053   -6.221  -8.288  1.00 1.65 ? 20 U A "C3'"  1 
ATOM 629 O "O3'"  . U A 1 20 ? 8.332   -6.749  -9.407  1.00 1.70 ? 20 U A "O3'"  1 
ATOM 630 C "C2'"  . U A 1 20 ? 8.842   -7.137  -7.092  1.00 1.45 ? 20 U A "C2'"  1 
ATOM 631 O "O2'"  . U A 1 20 ? 8.506   -8.468  -7.501  1.00 1.35 ? 20 U A "O2'"  1 
ATOM 632 C "C1'"  . U A 1 20 ? 10.193  -7.099  -6.376  1.00 1.39 ? 20 U A "C1'"  1 
ATOM 633 N N1     . U A 1 20 ? 10.121  -6.265  -5.155  1.00 1.40 ? 20 U A N1     1 
ATOM 634 C C2     . U A 1 20 ? 9.620   -6.856  -4.008  1.00 1.27 ? 20 U A C2     1 
ATOM 635 O O2     . U A 1 20 ? 9.259   -8.031  -3.979  1.00 1.14 ? 20 U A O2     1 
ATOM 636 N N3     . U A 1 20 ? 9.554   -6.048  -2.887  1.00 1.31 ? 20 U A N3     1 
ATOM 637 C C4     . U A 1 20 ? 9.939   -4.722  -2.812  1.00 1.47 ? 20 U A C4     1 
ATOM 638 O O4     . U A 1 20 ? 9.837   -4.098  -1.758  1.00 1.51 ? 20 U A O4     1 
ATOM 639 C C5     . U A 1 20 ? 10.451  -4.186  -4.054  1.00 1.59 ? 20 U A C5     1 
ATOM 640 C C6     . U A 1 20 ? 10.527  -4.956  -5.166  1.00 1.56 ? 20 U A C6     1 
ATOM 641 H "H5'"  . U A 1 20 ? 12.167  -5.108  -9.209  1.00 1.89 ? 20 U A "H5'"  1 
ATOM 642 H "H5''" . U A 1 20 ? 10.751  -5.070  -10.281 1.00 1.95 ? 20 U A "H5''" 1 
ATOM 643 H "H4'"  . U A 1 20 ? 10.712  -7.212  -9.218  1.00 1.63 ? 20 U A "H4'"  1 
ATOM 644 H "H3'"  . U A 1 20 ? 8.770   -5.191  -8.063  1.00 1.75 ? 20 U A "H3'"  1 
ATOM 645 H "H2'"  . U A 1 20 ? 8.067   -6.724  -6.443  1.00 1.46 ? 20 U A "H2'"  1 
ATOM 646 H "HO2'" . U A 1 20 ? 7.618   -8.441  -7.863  1.00 1.53 ? 20 U A "HO2'" 1 
ATOM 647 H "H1'"  . U A 1 20 ? 10.476  -8.113  -6.099  1.00 1.26 ? 20 U A "H1'"  1 
ATOM 648 H H3     . U A 1 20 ? 9.189   -6.467  -2.043  1.00 1.24 ? 20 U A H3     1 
ATOM 649 H H5     . U A 1 20 ? 10.783  -3.148  -4.096  1.00 1.73 ? 20 U A H5     1 
ATOM 650 H H6     . U A 1 20 ? 10.928  -4.528  -6.084  1.00 1.67 ? 20 U A H6     1 
ATOM 651 P P      . U A 1 21 ? 6.759   -6.453  -9.588  1.00 1.80 ? 21 U A P      1 
ATOM 652 O OP1    . U A 1 21 ? 6.466   -6.388  -11.036 1.00 1.95 ? 21 U A OP1    1 
ATOM 653 O OP2    . U A 1 21 ? 6.393   -5.320  -8.708  1.00 1.87 ? 21 U A OP2    1 
ATOM 654 O "O5'"  . U A 1 21 ? 6.084   -7.790  -8.998  1.00 1.64 ? 21 U A "O5'"  1 
ATOM 655 C "C5'"  . U A 1 21 ? 4.727   -7.781  -8.549  1.00 1.50 ? 21 U A "C5'"  1 
ATOM 656 C "C4'"  . U A 1 21 ? 4.374   -9.060  -7.794  1.00 1.32 ? 21 U A "C4'"  1 
ATOM 657 O "O4'"  . U A 1 21 ? 5.414   -9.432  -6.878  1.00 1.18 ? 21 U A "O4'"  1 
ATOM 658 C "C3'"  . U A 1 21 ? 3.127   -8.868  -6.946  1.00 1.35 ? 21 U A "C3'"  1 
ATOM 659 O "O3'"  . U A 1 21 ? 1.989   -9.278  -7.712  1.00 1.46 ? 21 U A "O3'"  1 
ATOM 660 C "C2'"  . U A 1 21 ? 3.339   -9.853  -5.814  1.00 1.22 ? 21 U A "C2'"  1 
ATOM 661 O "O2'"  . U A 1 21 ? 2.947   -11.180 -6.183  1.00 1.25 ? 21 U A "O2'"  1 
ATOM 662 C "C1'"  . U A 1 21 ? 4.847   -9.756  -5.597  1.00 1.12 ? 21 U A "C1'"  1 
ATOM 663 N N1     . U A 1 21 ? 5.180   -8.719  -4.592  1.00 1.12 ? 21 U A N1     1 
ATOM 664 C C2     . U A 1 21 ? 4.659   -8.863  -3.315  1.00 1.10 ? 21 U A C2     1 
ATOM 665 O O2     . U A 1 21 ? 3.955   -9.819  -2.995  1.00 1.13 ? 21 U A O2     1 
ATOM 666 N N3     . U A 1 21 ? 4.981   -7.867  -2.413  1.00 1.12 ? 21 U A N3     1 
ATOM 667 C C4     . U A 1 21 ? 5.767   -6.756  -2.664  1.00 1.17 ? 21 U A C4     1 
ATOM 668 O O4     . U A 1 21 ? 5.987   -5.931  -1.780  1.00 1.21 ? 21 U A O4     1 
ATOM 669 C C5     . U A 1 21 ? 6.270   -6.687  -4.016  1.00 1.25 ? 21 U A C5     1 
ATOM 670 C C6     . U A 1 21 ? 5.971   -7.649  -4.921  1.00 1.22 ? 21 U A C6     1 
ATOM 671 H "H5'"  . U A 1 21 ? 4.068   -7.687  -9.413  1.00 1.98 ? 21 U A "H5'"  1 
ATOM 672 H "H5''" . U A 1 21 ? 4.574   -6.925  -7.892  1.00 1.89 ? 21 U A "H5''" 1 
ATOM 673 H "H4'"  . U A 1 21 ? 4.215   -9.874  -8.500  1.00 1.34 ? 21 U A "H4'"  1 
ATOM 674 H "H3'"  . U A 1 21 ? 3.036   -7.846  -6.577  1.00 1.43 ? 21 U A "H3'"  1 
ATOM 675 H "H2'"  . U A 1 21 ? 2.807   -9.520  -4.920  1.00 1.28 ? 21 U A "H2'"  1 
ATOM 676 H "HO2'" . U A 1 21 ? 2.073   -11.120 -6.576  1.00 1.50 ? 21 U A "HO2'" 1 
ATOM 677 H "H1'"  . U A 1 21 ? 5.228   -10.722 -5.265  1.00 1.09 ? 21 U A "H1'"  1 
ATOM 678 H H3     . U A 1 21 ? 4.607   -7.957  -1.479  1.00 1.15 ? 21 U A H3     1 
ATOM 679 H H5     . U A 1 21 ? 6.901   -5.848  -4.312  1.00 1.39 ? 21 U A H5     1 
ATOM 680 H H6     . U A 1 21 ? 6.371   -7.574  -5.932  1.00 1.33 ? 21 U A H6     1 
ATOM 681 P P      . G A 1 22 ? 0.654   -8.376  -7.746  1.00 1.54 ? 22 G A P      1 
ATOM 682 O OP1    . G A 1 22 ? -0.141  -8.770  -8.930  1.00 1.72 ? 22 G A OP1    1 
ATOM 683 O OP2    . G A 1 22 ? 1.043   -6.960  -7.557  1.00 1.50 ? 22 G A OP2    1 
ATOM 684 O "O5'"  . G A 1 22 ? -0.130  -8.862  -6.427  1.00 1.56 ? 22 G A "O5'"  1 
ATOM 685 C "C5'"  . G A 1 22 ? -0.563  -10.220 -6.296  1.00 1.60 ? 22 G A "C5'"  1 
ATOM 686 C "C4'"  . G A 1 22 ? -0.794  -10.597 -4.836  1.00 1.52 ? 22 G A "C4'"  1 
ATOM 687 O "O4'"  . G A 1 22 ? 0.399   -10.461 -4.068  1.00 1.50 ? 22 G A "O4'"  1 
ATOM 688 C "C3'"  . G A 1 22 ? -1.805  -9.672  -4.183  1.00 1.45 ? 22 G A "C3'"  1 
ATOM 689 O "O3'"  . G A 1 22 ? -3.108  -10.245 -4.343  1.00 1.53 ? 22 G A "O3'"  1 
ATOM 690 C "C2'"  . G A 1 22 ? -1.425  -9.723  -2.710  1.00 1.39 ? 22 G A "C2'"  1 
ATOM 691 O "O2'"  . G A 1 22 ? -2.131  -10.762 -2.022  1.00 1.46 ? 22 G A "O2'"  1 
ATOM 692 C "C1'"  . G A 1 22 ? 0.080   -10.003 -2.745  1.00 1.41 ? 22 G A "C1'"  1 
ATOM 693 N N9     . G A 1 22 ? 0.852   -8.791  -2.404  1.00 1.34 ? 22 G A N9     1 
ATOM 694 C C8     . G A 1 22 ? 1.424   -7.869  -3.216  1.00 1.35 ? 22 G A C8     1 
ATOM 695 N N7     . G A 1 22 ? 2.059   -6.892  -2.659  1.00 1.32 ? 22 G A N7     1 
ATOM 696 C C5     . G A 1 22 ? 1.896   -7.185  -1.301  1.00 1.27 ? 22 G A C5     1 
ATOM 697 C C6     . G A 1 22 ? 2.364   -6.485  -0.156  1.00 1.26 ? 22 G A C6     1 
ATOM 698 O O6     . G A 1 22 ? 3.027   -5.451  -0.111  1.00 1.29 ? 22 G A O6     1 
ATOM 699 N N1     . G A 1 22 ? 1.980   -7.118  1.019   1.00 1.25 ? 22 G A N1     1 
ATOM 700 C C2     . G A 1 22 ? 1.239   -8.281  1.091   1.00 1.26 ? 22 G A C2     1 
ATOM 701 N N2     . G A 1 22 ? 0.970   -8.737  2.313   1.00 1.28 ? 22 G A N2     1 
ATOM 702 N N3     . G A 1 22 ? 0.796   -8.944  0.019   1.00 1.27 ? 22 G A N3     1 
ATOM 703 C C4     . G A 1 22 ? 1.158   -8.346  -1.137  1.00 1.28 ? 22 G A C4     1 
ATOM 704 H "H5'"  . G A 1 22 ? 0.199   -10.878 -6.716  1.00 2.02 ? 22 G A "H5'"  1 
ATOM 705 H "H5''" . G A 1 22 ? -1.493  -10.353 -6.849  1.00 2.00 ? 22 G A "H5''" 1 
ATOM 706 H "H4'"  . G A 1 22 ? -1.145  -11.627 -4.774  1.00 1.60 ? 22 G A "H4'"  1 
ATOM 707 H "H3'"  . G A 1 22 ? -1.748  -8.659  -4.583  1.00 1.44 ? 22 G A "H3'"  1 
ATOM 708 H "H2'"  . G A 1 22 ? -1.613  -8.753  -2.243  1.00 1.36 ? 22 G A "H2'"  1 
ATOM 709 H "HO2'" . G A 1 22 ? -1.809  -11.601 -2.364  1.00 1.66 ? 22 G A "HO2'" 1 
ATOM 710 H "H1'"  . G A 1 22 ? 0.315   -10.789 -2.027  1.00 1.45 ? 22 G A "H1'"  1 
ATOM 711 H H8     . G A 1 22 ? 1.351   -7.948  -4.301  1.00 1.42 ? 22 G A H8     1 
ATOM 712 H H1     . G A 1 22 ? 2.278   -6.676  1.878   1.00 1.27 ? 22 G A H1     1 
ATOM 713 H H21    . G A 1 22 ? 1.305   -8.237  3.124   1.00 1.30 ? 22 G A H21    1 
ATOM 714 H H22    . G A 1 22 ? 0.431   -9.583  2.429   1.00 1.30 ? 22 G A H22    1 
ATOM 715 P P      . G A 1 23 ? -4.422  -9.313  -4.352  1.00 1.54 ? 23 G A P      1 
ATOM 716 O OP1    . G A 1 23 ? -5.558  -10.124 -4.843  1.00 1.79 ? 23 G A OP1    1 
ATOM 717 O OP2    . G A 1 23 ? -4.083  -8.037  -5.023  1.00 1.58 ? 23 G A OP2    1 
ATOM 718 O "O5'"  . G A 1 23 ? -4.655  -9.021  -2.784  1.00 1.48 ? 23 G A "O5'"  1 
ATOM 719 C "C5'"  . G A 1 23 ? -4.363  -7.736  -2.224  1.00 1.52 ? 23 G A "C5'"  1 
ATOM 720 C "C4'"  . G A 1 23 ? -4.179  -7.816  -0.712  1.00 1.39 ? 23 G A "C4'"  1 
ATOM 721 O "O4'"  . G A 1 23 ? -2.803  -8.008  -0.364  1.00 1.33 ? 23 G A "O4'"  1 
ATOM 722 C "C3'"  . G A 1 23 ? -4.598  -6.521  -0.037  1.00 1.30 ? 23 G A "C3'"  1 
ATOM 723 O "O3'"  . G A 1 23 ? -5.975  -6.627  0.344   1.00 1.42 ? 23 G A "O3'"  1 
ATOM 724 C "C2'"  . G A 1 23 ? -3.743  -6.505  1.216   1.00 1.21 ? 23 G A "C2'"  1 
ATOM 725 O "O2'"  . G A 1 23 ? -4.337  -7.272  2.271   1.00 1.34 ? 23 G A "O2'"  1 
ATOM 726 C "C1'"  . G A 1 23 ? -2.447  -7.141  0.726   1.00 1.24 ? 23 G A "C1'"  1 
ATOM 727 N N9     . G A 1 23 ? -1.488  -6.107  0.292   1.00 1.17 ? 23 G A N9     1 
ATOM 728 C C8     . G A 1 23 ? -1.039  -5.808  -0.952  1.00 1.21 ? 23 G A C8     1 
ATOM 729 N N7     . G A 1 23 ? -0.200  -4.834  -1.067  1.00 1.22 ? 23 G A N7     1 
ATOM 730 C C5     . G A 1 23 ? -0.060  -4.420  0.260   1.00 1.17 ? 23 G A C5     1 
ATOM 731 C C6     . G A 1 23 ? 0.733   -3.376  0.807   1.00 1.21 ? 23 G A C6     1 
ATOM 732 O O6     . G A 1 23 ? 1.482   -2.600  0.220   1.00 1.32 ? 23 G A O6     1 
ATOM 733 N N1     . G A 1 23 ? 0.584   -3.293  2.186   1.00 1.17 ? 23 G A N1     1 
ATOM 734 C C2     . G A 1 23 ? -0.226  -4.109  2.949   1.00 1.12 ? 23 G A C2     1 
ATOM 735 N N2     . G A 1 23 ? -0.234  -3.872  4.262   1.00 1.14 ? 23 G A N2     1 
ATOM 736 N N3     . G A 1 23 ? -0.974  -5.093  2.442   1.00 1.11 ? 23 G A N3     1 
ATOM 737 C C4     . G A 1 23 ? -0.846  -5.194  1.099   1.00 1.13 ? 23 G A C4     1 
ATOM 738 H "H5'"  . G A 1 23 ? -5.185  -7.056  -2.450  1.00 1.88 ? 23 G A "H5'"  1 
ATOM 739 H "H5''" . G A 1 23 ? -3.448  -7.350  -2.675  1.00 2.10 ? 23 G A "H5''" 1 
ATOM 740 H "H4'"  . G A 1 23 ? -4.768  -8.642  -0.315  1.00 1.50 ? 23 G A "H4'"  1 
ATOM 741 H "H3'"  . G A 1 23 ? -4.408  -5.652  -0.669  1.00 1.30 ? 23 G A "H3'"  1 
ATOM 742 H "H2'"  . G A 1 23 ? -3.561  -5.476  1.535   1.00 1.15 ? 23 G A "H2'"  1 
ATOM 743 H "HO2'" . G A 1 23 ? -4.142  -6.822  3.096   1.00 1.65 ? 23 G A "HO2'" 1 
ATOM 744 H "H1'"  . G A 1 23 ? -2.005  -7.731  1.529   1.00 1.33 ? 23 G A "H1'"  1 
ATOM 745 H H8     . G A 1 23 ? -1.373  -6.371  -1.824  1.00 1.28 ? 23 G A H8     1 
ATOM 746 H H1     . G A 1 23 ? 1.120   -2.570  2.646   1.00 1.23 ? 23 G A H1     1 
ATOM 747 H H21    . G A 1 23 ? 0.333   -3.129  4.643   1.00 1.18 ? 23 G A H21    1 
ATOM 748 H H22    . G A 1 23 ? -0.805  -4.438  4.873   1.00 1.14 ? 23 G A H22    1 
ATOM 749 P P      . G A 1 24 ? -6.921  -5.322  0.373   1.00 1.53 ? 24 G A P      1 
ATOM 750 O OP1    . G A 1 24 ? -8.245  -5.722  0.900   1.00 1.81 ? 24 G A OP1    1 
ATOM 751 O OP2    . G A 1 24 ? -6.823  -4.650  -0.943  1.00 1.63 ? 24 G A OP2    1 
ATOM 752 O "O5'"  . G A 1 24 ? -6.202  -4.388  1.470   1.00 1.59 ? 24 G A "O5'"  1 
ATOM 753 C "C5'"  . G A 1 24 ? -6.126  -4.796  2.840   1.00 1.70 ? 24 G A "C5'"  1 
ATOM 754 C "C4'"  . G A 1 24 ? -5.153  -3.927  3.633   1.00 1.80 ? 24 G A "C4'"  1 
ATOM 755 O "O4'"  . G A 1 24 ? -3.894  -3.812  2.960   1.00 1.71 ? 24 G A "O4'"  1 
ATOM 756 C "C3'"  . G A 1 24 ? -5.683  -2.507  3.783   1.00 1.82 ? 24 G A "C3'"  1 
ATOM 757 O "O3'"  . G A 1 24 ? -6.354  -2.405  5.043   1.00 2.50 ? 24 G A "O3'"  1 
ATOM 758 C "C2'"  . G A 1 24 ? -4.421  -1.665  3.840   1.00 1.73 ? 24 G A "C2'"  1 
ATOM 759 O "O2'"  . G A 1 24 ? -3.915  -1.561  5.177   1.00 2.37 ? 24 G A "O2'"  1 
ATOM 760 C "C1'"  . G A 1 24 ? -3.462  -2.441  2.942   1.00 1.61 ? 24 G A "C1'"  1 
ATOM 761 N N9     . G A 1 24 ? -3.469  -1.900  1.569   1.00 1.51 ? 24 G A N9     1 
ATOM 762 C C8     . G A 1 24 ? -3.750  -2.517  0.395   1.00 1.48 ? 24 G A C8     1 
ATOM 763 N N7     . G A 1 24 ? -3.684  -1.811  -0.684  1.00 1.97 ? 24 G A N7     1 
ATOM 764 C C5     . G A 1 24 ? -3.311  -0.560  -0.182  1.00 2.33 ? 24 G A C5     1 
ATOM 765 C C6     . G A 1 24 ? -3.072  0.662   -0.866  1.00 3.12 ? 24 G A C6     1 
ATOM 766 O O6     . G A 1 24 ? -3.143  0.887   -2.072  1.00 3.62 ? 24 G A O6     1 
ATOM 767 N N1     . G A 1 24 ? -2.718  1.678   0.014   1.00 3.45 ? 24 G A N1     1 
ATOM 768 C C2     . G A 1 24 ? -2.609  1.542   1.384   1.00 3.16 ? 24 G A C2     1 
ATOM 769 N N2     . G A 1 24 ? -2.260  2.636   2.062   1.00 3.73 ? 24 G A N2     1 
ATOM 770 N N3     . G A 1 24 ? -2.833  0.397   2.034   1.00 2.50 ? 24 G A N3     1 
ATOM 771 C C4     . G A 1 24 ? -3.178  -0.607  1.197   1.00 2.05 ? 24 G A C4     1 
ATOM 772 H "H5'"  . G A 1 24 ? -5.794  -5.834  2.886   1.00 2.17 ? 24 G A "H5'"  1 
ATOM 773 H "H5''" . G A 1 24 ? -7.118  -4.721  3.289   1.00 1.98 ? 24 G A "H5''" 1 
ATOM 774 H "H4'"  . G A 1 24 ? -4.995  -4.362  4.619   1.00 2.30 ? 24 G A "H4'"  1 
ATOM 775 H "H3'"  . G A 1 24 ? -6.324  -2.222  2.949   1.00 1.80 ? 24 G A "H3'"  1 
ATOM 776 H "H2'"  . G A 1 24 ? -4.613  -0.675  3.418   1.00 1.74 ? 24 G A "H2'"  1 
ATOM 777 H "HO2'" . G A 1 24 ? -4.490  -0.957  5.652   1.00 2.74 ? 24 G A "HO2'" 1 
ATOM 778 H "H1'"  . G A 1 24 ? -2.455  -2.373  3.350   1.00 2.03 ? 24 G A "H1'"  1 
ATOM 779 H H8     . G A 1 24 ? -4.023  -3.572  0.362   1.00 1.41 ? 24 G A H8     1 
ATOM 780 H H1     . G A 1 24 ? -2.530  2.579   -0.403  1.00 4.05 ? 24 G A H1     1 
ATOM 781 H H21    . G A 1 24 ? -2.090  3.502   1.571   1.00 4.27 ? 24 G A H21    1 
ATOM 782 H H22    . G A 1 24 ? -2.168  2.598   3.067   1.00 3.69 ? 24 G A H22    1 
ATOM 783 P P      . A A 1 25 ? -7.940  -2.131  5.113   1.00 2.85 ? 25 A A P      1 
ATOM 784 O OP1    . A A 1 25 ? -8.565  -3.233  5.880   1.00 3.56 ? 25 A A OP1    1 
ATOM 785 O OP2    . A A 1 25 ? -8.421  -1.819  3.748   1.00 3.00 ? 25 A A OP2    1 
ATOM 786 O "O5'"  . A A 1 25 ? -8.026  -0.789  6.000   1.00 2.66 ? 25 A A "O5'"  1 
ATOM 787 C "C5'"  . A A 1 25 ? -7.816  0.498   5.408   1.00 2.37 ? 25 A A "C5'"  1 
ATOM 788 C "C4'"  . A A 1 25 ? -6.601  1.201   6.008   1.00 2.09 ? 25 A A "C4'"  1 
ATOM 789 O "O4'"  . A A 1 25 ? -5.466  1.107   5.139   1.00 1.79 ? 25 A A "O4'"  1 
ATOM 790 C "C3'"  . A A 1 25 ? -6.858  2.690   6.199   1.00 1.98 ? 25 A A "C3'"  1 
ATOM 791 O "O3'"  . A A 1 25 ? -7.328  2.907   7.534   1.00 2.36 ? 25 A A "O3'"  1 
ATOM 792 C "C2'"  . A A 1 25 ? -5.469  3.291   6.064   1.00 1.60 ? 25 A A "C2'"  1 
ATOM 793 O "O2'"  . A A 1 25 ? -4.748  3.237   7.300   1.00 1.76 ? 25 A A "O2'"  1 
ATOM 794 C "C1'"  . A A 1 25 ? -4.836  2.392   5.007   1.00 1.47 ? 25 A A "C1'"  1 
ATOM 795 N N9     . A A 1 25 ? -5.036  2.932   3.645   1.00 1.27 ? 25 A A N9     1 
ATOM 796 C C8     . A A 1 25 ? -5.570  2.331   2.551   1.00 1.34 ? 25 A A C8     1 
ATOM 797 N N7     . A A 1 25 ? -5.618  3.012   1.455   1.00 1.38 ? 25 A A N7     1 
ATOM 798 C C5     . A A 1 25 ? -5.046  4.223   1.852   1.00 1.33 ? 25 A A C5     1 
ATOM 799 C C6     . A A 1 25 ? -4.779  5.415   1.176   1.00 1.55 ? 25 A A C6     1 
ATOM 800 N N6     . A A 1 25 ? -5.042  5.648   -0.110  1.00 1.87 ? 25 A A N6     1 
ATOM 801 N N1     . A A 1 25 ? -4.193  6.425   1.901   1.00 1.56 ? 25 A A N1     1 
ATOM 802 C C2     . A A 1 25 ? -3.896  6.270   3.183   1.00 1.34 ? 25 A A C2     1 
ATOM 803 N N3     . A A 1 25 ? -4.106  5.178   3.917   1.00 1.18 ? 25 A A N3     1 
ATOM 804 C C4     . A A 1 25 ? -4.687  4.187   3.188   1.00 1.19 ? 25 A A C4     1 
ATOM 805 H H1     . A A 1 25 ? -3.962  7.325   1.507   1.00 1.81 ? 25 A A H1     1 
ATOM 806 H "H5'"  . A A 1 25 ? -8.702  1.112   5.575   1.00 2.86 ? 25 A A "H5'"  1 
ATOM 807 H "H5''" . A A 1 25 ? -7.664  0.379   4.335   1.00 2.39 ? 25 A A "H5''" 1 
ATOM 808 H "H4'"  . A A 1 25 ? -6.346  0.751   6.967   1.00 2.31 ? 25 A A "H4'"  1 
ATOM 809 H "H3'"  . A A 1 25 ? -7.538  3.087   5.442   1.00 2.00 ? 25 A A "H3'"  1 
ATOM 810 H "H2'"  . A A 1 25 ? -5.536  4.317   5.694   1.00 1.50 ? 25 A A "H2'"  1 
ATOM 811 H "HO2'" . A A 1 25 ? -4.363  4.104   7.444   1.00 2.22 ? 25 A A "HO2'" 1 
ATOM 812 H "H1'"  . A A 1 25 ? -3.768  2.295   5.205   1.00 1.49 ? 25 A A "H1'"  1 
ATOM 813 H H8     . A A 1 25 ? -5.945  1.308   2.597   1.00 1.49 ? 25 A A H8     1 
ATOM 814 H H61    . A A 1 25 ? -4.812  6.545   -0.517  1.00 2.12 ? 25 A A H61    1 
ATOM 815 H H62    . A A 1 25 ? -5.471  4.931   -0.676  1.00 1.91 ? 25 A A H62    1 
ATOM 816 H H2     . A A 1 25 ? -3.436  7.122   3.684   1.00 1.42 ? 25 A A H2     1 
ATOM 817 P P      . G A 1 26 ? -8.588  3.869   7.823   1.00 2.73 ? 26 G A P      1 
ATOM 818 O OP1    . G A 1 26 ? -9.019  3.657   9.223   1.00 3.36 ? 26 G A OP1    1 
ATOM 819 O OP2    . G A 1 26 ? -9.560  3.706   6.720   1.00 2.94 ? 26 G A OP2    1 
ATOM 820 O "O5'"  . G A 1 26 ? -7.940  5.341   7.710   1.00 2.77 ? 26 G A "O5'"  1 
ATOM 821 C "C5'"  . G A 1 26 ? -7.502  6.042   8.879   1.00 2.96 ? 26 G A "C5'"  1 
ATOM 822 C "C4'"  . G A 1 26 ? -6.957  7.424   8.531   1.00 2.83 ? 26 G A "C4'"  1 
ATOM 823 O "O4'"  . G A 1 26 ? -5.924  7.342   7.540   1.00 2.34 ? 26 G A "O4'"  1 
ATOM 824 C "C3'"  . G A 1 26 ? -8.039  8.308   7.926   1.00 3.03 ? 26 G A "C3'"  1 
ATOM 825 O "O3'"  . G A 1 26 ? -8.644  9.073   8.973   1.00 3.55 ? 26 G A "O3'"  1 
ATOM 826 C "C2'"  . G A 1 26 ? -7.244  9.241   7.033   1.00 2.75 ? 26 G A "C2'"  1 
ATOM 827 O "O2'"  . G A 1 26 ? -6.688  10.337  7.768   1.00 2.98 ? 26 G A "O2'"  1 
ATOM 828 C "C1'"  . G A 1 26 ? -6.159  8.312   6.507   1.00 2.25 ? 26 G A "C1'"  1 
ATOM 829 N N9     . G A 1 26 ? -6.583  7.656   5.254   1.00 2.03 ? 26 G A N9     1 
ATOM 830 C C8     . G A 1 26 ? -6.948  6.370   5.031   1.00 1.92 ? 26 G A C8     1 
ATOM 831 N N7     . G A 1 26 ? -7.261  6.037   3.825   1.00 1.88 ? 26 G A N7     1 
ATOM 832 C C5     . G A 1 26 ? -7.092  7.245   3.144   1.00 2.00 ? 26 G A C5     1 
ATOM 833 C C6     . G A 1 26 ? -7.279  7.547   1.772   1.00 2.20 ? 26 G A C6     1 
ATOM 834 O O6     . G A 1 26 ? -7.637  6.795   0.869   1.00 2.33 ? 26 G A O6     1 
ATOM 835 N N1     . G A 1 26 ? -7.003  8.880   1.501   1.00 2.38 ? 26 G A N1     1 
ATOM 836 C C2     . G A 1 26 ? -6.594  9.813   2.434   1.00 2.37 ? 26 G A C2     1 
ATOM 837 N N2     . G A 1 26 ? -6.383  11.048  1.982   1.00 2.62 ? 26 G A N2     1 
ATOM 838 N N3     . G A 1 26 ? -6.412  9.536   3.727   1.00 2.23 ? 26 G A N3     1 
ATOM 839 C C4     . G A 1 26 ? -6.678  8.243   4.014   1.00 2.05 ? 26 G A C4     1 
ATOM 840 H "H5'"  . G A 1 26 ? -6.717  5.464   9.367   1.00 3.20 ? 26 G A "H5'"  1 
ATOM 841 H "H5''" . G A 1 26 ? -8.341  6.154   9.564   1.00 3.31 ? 26 G A "H5''" 1 
ATOM 842 H "H4'"  . G A 1 26 ? -6.553  7.899   9.425   1.00 3.05 ? 26 G A "H4'"  1 
ATOM 843 H "H3'"  . G A 1 26 ? -8.767  7.729   7.356   1.00 3.04 ? 26 G A "H3'"  1 
ATOM 844 H "H2'"  . G A 1 26 ? -7.868  9.597   6.209   1.00 2.82 ? 26 G A "H2'"  1 
ATOM 845 H "HO2'" . G A 1 26 ? -6.723  11.110  7.201   1.00 3.04 ? 26 G A "HO2'" 1 
ATOM 846 H "H1'"  . G A 1 26 ? -5.248  8.880   6.328   1.00 2.14 ? 26 G A "H1'"  1 
ATOM 847 H H8     . G A 1 26 ? -6.982  5.645   5.843   1.00 1.98 ? 26 G A H8     1 
ATOM 848 H H1     . G A 1 26 ? -7.116  9.169   0.541   1.00 2.61 ? 26 G A H1     1 
ATOM 849 H H21    . G A 1 26 ? -6.520  11.257  1.004   1.00 2.81 ? 26 G A H21    1 
ATOM 850 H H22    . G A 1 26 ? -6.088  11.775  2.618   1.00 2.67 ? 26 G A H22    1 
ATOM 851 P P      . U A 1 27 ? -10.099 9.736   8.770   1.00 4.02 ? 27 U A P      1 
ATOM 852 O OP1    . U A 1 27 ? -10.692 9.967   10.105  1.00 4.55 ? 27 U A OP1    1 
ATOM 853 O OP2    . U A 1 27 ? -10.836 8.943   7.761   1.00 3.96 ? 27 U A OP2    1 
ATOM 854 O "O5'"  . U A 1 27 ? -9.742  11.168  8.124   1.00 4.05 ? 27 U A "O5'"  1 
ATOM 855 C "C5'"  . U A 1 27 ? -10.754 11.948  7.483   1.00 4.35 ? 27 U A "C5'"  1 
ATOM 856 C "C4'"  . U A 1 27 ? -10.183 12.773  6.332   1.00 4.20 ? 27 U A "C4'"  1 
ATOM 857 O "O4'"  . U A 1 27 ? -9.130  12.075  5.658   1.00 3.65 ? 27 U A "O4'"  1 
ATOM 858 C "C3'"  . U A 1 27 ? -11.242 13.043  5.276   1.00 4.55 ? 27 U A "C3'"  1 
ATOM 859 O "O3'"  . U A 1 27 ? -11.873 14.293  5.571   1.00 5.06 ? 27 U A "O3'"  1 
ATOM 860 C "C2'"  . U A 1 27 ? -10.423 13.194  4.006   1.00 4.28 ? 27 U A "C2'"  1 
ATOM 861 O "O2'"  . U A 1 27 ? -9.931  14.531  3.851   1.00 4.46 ? 27 U A "O2'"  1 
ATOM 862 C "C1'"  . U A 1 27 ? -9.286  12.202  4.234   1.00 3.68 ? 27 U A "C1'"  1 
ATOM 863 N N1     . U A 1 27 ? -9.588  10.893  3.613   1.00 3.48 ? 27 U A N1     1 
ATOM 864 C C2     . U A 1 27 ? -9.600  10.827  2.229   1.00 3.51 ? 27 U A C2     1 
ATOM 865 O O2     . U A 1 27 ? -9.374  11.807  1.522   1.00 3.71 ? 27 U A O2     1 
ATOM 866 N N3     . U A 1 27 ? -9.879  9.589   1.683   1.00 3.40 ? 27 U A N3     1 
ATOM 867 C C4     . U A 1 27 ? -10.144 8.426   2.384   1.00 3.22 ? 27 U A C4     1 
ATOM 868 O O4     . U A 1 27 ? -10.376 7.375   1.789   1.00 3.18 ? 27 U A O4     1 
ATOM 869 C C5     . U A 1 27 ? -10.113 8.585   3.820   1.00 3.21 ? 27 U A C5     1 
ATOM 870 C C6     . U A 1 27 ? -9.842  9.787   4.381   1.00 3.36 ? 27 U A C6     1 
ATOM 871 H "H5'"  . U A 1 27 ? -11.202 12.621  8.214   1.00 4.69 ? 27 U A "H5'"  1 
ATOM 872 H "H5''" . U A 1 27 ? -11.525 11.281  7.095   1.00 4.52 ? 27 U A "H5''" 1 
ATOM 873 H "H4'"  . U A 1 27 ? -9.799  13.718  6.712   1.00 4.32 ? 27 U A "H4'"  1 
ATOM 874 H "H3'"  . U A 1 27 ? -11.958 12.224  5.197   1.00 4.61 ? 27 U A "H3'"  1 
ATOM 875 H "H2'"  . U A 1 27 ? -11.017 12.893  3.140   1.00 4.43 ? 27 U A "H2'"  1 
ATOM 876 H "HO2'" . U A 1 27 ? -10.677 15.125  3.961   1.00 4.50 ? 27 U A "HO2'" 1 
ATOM 877 H "H1'"  . U A 1 27 ? -8.368  12.601  3.805   1.00 3.51 ? 27 U A "H1'"  1 
ATOM 878 H H3     . U A 1 27 ? -9.893  9.528   0.677   1.00 3.51 ? 27 U A H3     1 
ATOM 879 H H5     . U A 1 27 ? -10.305 7.724   4.461   1.00 3.15 ? 27 U A H5     1 
ATOM 880 H H6     . U A 1 27 ? -9.830  9.877   5.467   1.00 3.44 ? 27 U A H6     1 
ATOM 881 P P      . C A 1 28 ? -13.439 14.510  5.270   1.00 5.70 ? 28 C A P      1 
ATOM 882 O OP1    . C A 1 28 ? -13.802 15.889  5.670   1.00 6.22 ? 28 C A OP1    1 
ATOM 883 O OP2    . C A 1 28 ? -14.183 13.360  5.830   1.00 5.78 ? 28 C A OP2    1 
ATOM 884 O "O5'"  . C A 1 28 ? -13.500 14.413  3.663   1.00 5.69 ? 28 C A "O5'"  1 
ATOM 885 C "C5'"  . C A 1 28 ? -13.437 15.592  2.854   1.00 5.97 ? 28 C A "C5'"  1 
ATOM 886 C "C4'"  . C A 1 28 ? -14.069 15.365  1.484   1.00 6.16 ? 28 C A "C4'"  1 
ATOM 887 O "O4'"  . C A 1 28 ? -13.259 14.506  0.676   1.00 5.74 ? 28 C A "O4'"  1 
ATOM 888 C "C3'"  . C A 1 28 ? -15.415 14.667  1.608   1.00 6.42 ? 28 C A "C3'"  1 
ATOM 889 O "O3'"  . C A 1 28 ? -16.441 15.665  1.668   1.00 7.00 ? 28 C A "O3'"  1 
ATOM 890 C "C2'"  . C A 1 28 ? -15.533 13.920  0.292   1.00 6.37 ? 28 C A "C2'"  1 
ATOM 891 O "O2'"  . C A 1 28 ? -16.074 14.751  -0.742  1.00 6.84 ? 28 C A "O2'"  1 
ATOM 892 C "C1'"  . C A 1 28 ? -14.083 13.540  0.000   1.00 5.84 ? 28 C A "C1'"  1 
ATOM 893 N N1     . C A 1 28 ? -13.790 12.168  0.471   1.00 5.39 ? 28 C A N1     1 
ATOM 894 C C2     . C A 1 28 ? -14.100 11.116  -0.381  1.00 5.37 ? 28 C A C2     1 
ATOM 895 O O2     . C A 1 28 ? -14.607 11.337  -1.480  1.00 5.73 ? 28 C A O2     1 
ATOM 896 N N3     . C A 1 28 ? -13.836 9.849   0.036   1.00 4.98 ? 28 C A N3     1 
ATOM 897 C C4     . C A 1 28 ? -13.294 9.617   1.237   1.00 4.62 ? 28 C A C4     1 
ATOM 898 N N4     . C A 1 28 ? -13.058 8.363   1.616   1.00 4.27 ? 28 C A N4     1 
ATOM 899 C C5     . C A 1 28 ? -12.973 10.696  2.120   1.00 4.68 ? 28 C A C5     1 
ATOM 900 C C6     . C A 1 28 ? -13.235 11.947  1.700   1.00 5.07 ? 28 C A C6     1 
ATOM 901 H "H5'"  . C A 1 28 ? -12.392 15.877  2.720   1.00 5.76 ? 28 C A "H5'"  1 
ATOM 902 H "H5''" . C A 1 28 ? -13.964 16.402  3.359   1.00 6.32 ? 28 C A "H5''" 1 
ATOM 903 H "H4'"  . C A 1 28 ? -14.197 16.319  0.974   1.00 6.47 ? 28 C A "H4'"  1 
ATOM 904 H "H3'"  . C A 1 28 ? -15.445 13.988  2.461   1.00 6.23 ? 28 C A "H3'"  1 
ATOM 905 H "H2'"  . C A 1 28 ? -16.137 13.018  0.425   1.00 6.36 ? 28 C A "H2'"  1 
ATOM 906 H "HO2'" . C A 1 28 ? -16.970 14.979  -0.485  1.00 7.00 ? 28 C A "HO2'" 1 
ATOM 907 H "H1'"  . C A 1 28 ? -13.903 13.601  -1.072  1.00 5.94 ? 28 C A "H1'"  1 
ATOM 908 H H41    . C A 1 28 ? -13.283 7.598   0.996   1.00 4.27 ? 28 C A H41    1 
ATOM 909 H H42    . C A 1 28 ? -12.655 8.175   2.523   1.00 4.04 ? 28 C A H42    1 
ATOM 910 H H5     . C A 1 28 ? -12.530 10.511  3.099   1.00 4.46 ? 28 C A H5     1 
ATOM 911 H H6     . C A 1 28 ? -13.003 12.793  2.347   1.00 5.16 ? 28 C A H6     1 
ATOM 912 P P      . G A 1 29 ? -17.888 15.321  2.288   1.00 7.38 ? 29 G A P      1 
ATOM 913 O OP1    . G A 1 29 ? -18.598 16.595  2.535   1.00 8.00 ? 29 G A OP1    1 
ATOM 914 O OP2    . G A 1 29 ? -17.701 14.353  3.394   1.00 7.00 ? 29 G A OP2    1 
ATOM 915 O "O5'"  . G A 1 29 ? -18.620 14.566  1.067   1.00 7.58 ? 29 G A "O5'"  1 
ATOM 916 C "C5'"  . G A 1 29 ? -19.014 13.195  1.181   1.00 7.68 ? 29 G A "C5'"  1 
ATOM 917 C "C4'"  . G A 1 29 ? -19.221 12.560  -0.192  1.00 7.61 ? 29 G A "C4'"  1 
ATOM 918 O "O4'"  . G A 1 29 ? -17.983 12.107  -0.748  1.00 7.15 ? 29 G A "O4'"  1 
ATOM 919 C "C3'"  . G A 1 29 ? -20.108 11.328  -0.101  1.00 7.60 ? 29 G A "C3'"  1 
ATOM 920 O "O3'"  . G A 1 29 ? -21.465 11.728  -0.323  1.00 8.12 ? 29 G A "O3'"  1 
ATOM 921 C "C2'"  . G A 1 29 ? -19.646 10.488  -1.280  1.00 7.34 ? 29 G A "C2'"  1 
ATOM 922 O "O2'"  . G A 1 29 ? -20.322 10.856  -2.488  1.00 7.73 ? 29 G A "O2'"  1 
ATOM 923 C "C1'"  . G A 1 29 ? -18.157 10.815  -1.354  1.00 6.98 ? 29 G A "C1'"  1 
ATOM 924 N N9     . G A 1 29 ? -17.355 9.793   -0.654  1.00 6.47 ? 29 G A N9     1 
ATOM 925 C C8     . G A 1 29 ? -17.069 9.673   0.667   1.00 6.23 ? 29 G A C8     1 
ATOM 926 N N7     . G A 1 29 ? -16.330 8.681   1.031   1.00 5.80 ? 29 G A N7     1 
ATOM 927 C C5     . G A 1 29 ? -16.082 8.046   -0.190  1.00 5.74 ? 29 G A C5     1 
ATOM 928 C C6     . G A 1 29 ? -15.322 6.880   -0.467  1.00 5.37 ? 29 G A C6     1 
ATOM 929 O O6     . G A 1 29 ? -14.703 6.170   0.321   1.00 4.99 ? 29 G A O6     1 
ATOM 930 N N1     . G A 1 29 ? -15.327 6.581   -1.822  1.00 5.54 ? 29 G A N1     1 
ATOM 931 C C2     . G A 1 29 ? -15.980 7.310   -2.796  1.00 6.00 ? 29 G A C2     1 
ATOM 932 N N2     . G A 1 29 ? -15.861 6.862   -4.046  1.00 6.16 ? 29 G A N2     1 
ATOM 933 N N3     . G A 1 29 ? -16.696 8.409   -2.544  1.00 6.31 ? 29 G A N3     1 
ATOM 934 C C4     . G A 1 29 ? -16.707 8.721   -1.227  1.00 6.16 ? 29 G A C4     1 
ATOM 935 H "H5'"  . G A 1 29 ? -19.944 13.138  1.745   1.00 8.00 ? 29 G A "H5'"  1 
ATOM 936 H "H5''" . G A 1 29 ? -18.238 12.643  1.714   1.00 7.70 ? 29 G A "H5''" 1 
ATOM 937 H "H4'"  . G A 1 29 ? -19.672 13.285  -0.868  1.00 7.95 ? 29 G A "H4'"  1 
ATOM 938 H "H3'"  . G A 1 29 ? -19.979 10.801  0.845   1.00 7.42 ? 29 G A "H3'"  1 
ATOM 939 H "H2'"  . G A 1 29 ? -19.787 9.427   -1.061  1.00 7.15 ? 29 G A "H2'"  1 
ATOM 940 H "HO2'" . G A 1 29 ? -20.525 10.046  -2.960  1.00 7.85 ? 29 G A "HO2'" 1 
ATOM 941 H "H1'"  . G A 1 29 ? -17.849 10.862  -2.398  1.00 7.03 ? 29 G A "H1'"  1 
ATOM 942 H H8     . G A 1 29 ? -17.451 10.389  1.393   1.00 6.43 ? 29 G A H8     1 
ATOM 943 H H1     . G A 1 29 ? -14.806 5.759   -2.096  1.00 5.35 ? 29 G A H1     1 
ATOM 944 H H21    . G A 1 29 ? -15.319 6.030   -4.235  1.00 5.97 ? 29 G A H21    1 
ATOM 945 H H22    . G A 1 29 ? -16.312 7.354   -4.804  1.00 6.51 ? 29 G A H22    1 
ATOM 946 P P      . C A 1 30 ? -22.685 10.754  0.075   1.00 8.35 ? 30 C A P      1 
ATOM 947 O OP1    . C A 1 30 ? -23.940 11.537  0.014   1.00 8.90 ? 30 C A OP1    1 
ATOM 948 O OP2    . C A 1 30 ? -22.321 10.041  1.320   1.00 8.10 ? 30 C A OP2    1 
ATOM 949 O "O5'"  . C A 1 30 ? -22.694 9.691   -1.136  1.00 8.25 ? 30 C A "O5'"  1 
ATOM 950 C "C5'"  . C A 1 30 ? -22.843 8.291   -0.879  1.00 8.08 ? 30 C A "C5'"  1 
ATOM 951 C "C4'"  . C A 1 30 ? -22.158 7.447   -1.950  1.00 7.98 ? 30 C A "C4'"  1 
ATOM 952 O "O4'"  . C A 1 30 ? -20.748 7.690   -1.980  1.00 7.57 ? 30 C A "O4'"  1 
ATOM 953 C "C3'"  . C A 1 30 ? -22.323 5.963   -1.665  1.00 7.94 ? 30 C A "C3'"  1 
ATOM 954 O "O3'"  . C A 1 30 ? -23.532 5.449   -2.235  1.00 8.43 ? 30 C A "O3'"  1 
ATOM 955 C "C2'"  . C A 1 30 ? -21.094 5.367   -2.330  1.00 7.68 ? 30 C A "C2'"  1 
ATOM 956 O "O2'"  . C A 1 30 ? -21.319 5.121   -3.723  1.00 8.06 ? 30 C A "O2'"  1 
ATOM 957 C "C1'"  . C A 1 30 ? -20.039 6.449   -2.118  1.00 7.34 ? 30 C A "C1'"  1 
ATOM 958 N N1     . C A 1 30 ? -19.218 6.163   -0.919  1.00 6.84 ? 30 C A N1     1 
ATOM 959 C C2     . C A 1 30 ? -18.251 5.169   -1.021  1.00 6.56 ? 30 C A C2     1 
ATOM 960 O O2     . C A 1 30 ? -18.087 4.571   -2.083  1.00 6.75 ? 30 C A O2     1 
ATOM 961 N N3     . C A 1 30 ? -17.498 4.889   0.077   1.00 6.12 ? 30 C A N3     1 
ATOM 962 C C4     . C A 1 30 ? -17.680 5.552   1.227   1.00 5.99 ? 30 C A C4     1 
ATOM 963 N N4     . C A 1 30 ? -16.918 5.257   2.279   1.00 5.61 ? 30 C A N4     1 
ATOM 964 C C5     . C A 1 30 ? -18.672 6.576   1.337   1.00 6.32 ? 30 C A C5     1 
ATOM 965 C C6     . C A 1 30 ? -19.414 6.847   0.247   1.00 6.73 ? 30 C A C6     1 
ATOM 966 H "H5'"  . C A 1 30 ? -23.906 8.045   -0.858  1.00 8.17 ? 30 C A "H5'"  1 
ATOM 967 H "H5''" . C A 1 30 ? -22.405 8.059   0.092   1.00 8.14 ? 30 C A "H5''" 1 
ATOM 968 H "H4'"  . C A 1 30 ? -22.584 7.681   -2.926  1.00 8.30 ? 30 C A "H4'"  1 
ATOM 969 H "H3'"  . C A 1 30 ? -22.292 5.781   -0.587  1.00 7.76 ? 30 C A "H3'"  1 
ATOM 970 H "HO3'" . C A 1 30 ? -24.241 5.632   -1.613  1.00 8.47 ? 30 C A "HO3'" 1 
ATOM 971 H "H2'"  . C A 1 30 ? -20.799 4.449   -1.815  1.00 7.49 ? 30 C A "H2'"  1 
ATOM 972 H "HO2'" . C A 1 30 ? -22.160 4.666   -3.800  1.00 8.20 ? 30 C A "HO2'" 1 
ATOM 973 H "H1'"  . C A 1 30 ? -19.392 6.499   -2.995  1.00 7.38 ? 30 C A "H1'"  1 
ATOM 974 H H41    . C A 1 30 ? -16.215 4.535   2.207   1.00 5.41 ? 30 C A H41    1 
ATOM 975 H H42    . C A 1 30 ? -17.042 5.755   3.148   1.00 5.58 ? 30 C A H42    1 
ATOM 976 H H5     . C A 1 30 ? -18.822 7.117   2.271   1.00 6.30 ? 30 C A H5     1 
ATOM 977 H H6     . C A 1 30 ? -20.178 7.624   0.296   1.00 7.02 ? 30 C A H6     1 
# 
